data_7QAK
#
_entry.id   7QAK
#
_cell.length_a   78.453
_cell.length_b   112.710
_cell.length_c   226.704
_cell.angle_alpha   90.000
_cell.angle_beta   90.000
_cell.angle_gamma   90.000
#
_symmetry.space_group_name_H-M   'P 21 21 21'
#
loop_
_entity.id
_entity.type
_entity.pdbx_description
1 polymer Acetylcholinesterase
2 non-polymer 2-acetamido-2-deoxy-beta-D-glucopyranose
3 non-polymer 4-(hydroxymethyl)-7-[[4-[[methyl-(phenylmethyl)amino]methyl]phenyl]methoxy]chromen-2-one
4 non-polymer 1,2-ETHANEDIOL
5 non-polymer 2-(2-METHOXYETHOXY)ETHANOL
6 non-polymer 2-[2-(2-METHOXY-ETHOXY)-ETHOXY]-ETHOXYL
7 non-polymer 2,5,8,11,14,17-HEXAOXANONADECAN-19-OL
8 water water
#
_entity_poly.entity_id   1
_entity_poly.type   'polypeptide(L)'
_entity_poly.pdbx_seq_one_letter_code
;EGREDPQLLVRVRGGQLRGIRLKAPGGPVSAFLGIPFAEPPVGSRRFMPPEPKRPWSGVLDATTFQNVCYQYVDTLYPGF
EGTEMWNPNRELSEDCLYLNVWTPYPRPASPTPVLIWIYGGGFYSGAASLDVYDGRFLAQVEGAVLVSMNYRVGTFGFLA
LPGSREAPGNVGLLDQRLALQWVQENIAAFGGDPMSVTLFGESAGAASVGMHILSLPSRSLFHRAVLQSGTPNGPWATVS
AGEARRRATLLARLVGCPPGGAGGNDTELIACLRTRPAQDLVDHEWHVLPQESIFRFSFVPVVDGDFLSDTPEALINTGD
FQDLQVLVGVVKDEGSYFLVYGVPGFSKDNESLISRAQFLAGVRIGVPQASDLAAEAVVLHYTDWLHPEDPTHLRDAMSA
VVGDHNVVCPVAQLAGRLAAQGARVYAYIFEHRASTLTWPLWMGVPHGYEIEFIFGLPLDPSLNYTTEERIFAQRLMKYW
TNFARTGDPNDPRDSKSPQWPPYTTAAQQYVSLNLKPLEVRRGLRAQTCAFWNRFLPKLLSAT
;
_entity_poly.pdbx_strand_id   A,B
#
loop_
_chem_comp.id
_chem_comp.type
_chem_comp.name
_chem_comp.formula
5IK non-polymer 4-(hydroxymethyl)-7-[[4-[[methyl-(phenylmethyl)amino]methyl]phenyl]methoxy]chromen-2-one 'C26 H25 N O4'
EDO non-polymer 1,2-ETHANEDIOL 'C2 H6 O2'
NAG D-saccharide, beta linking 2-acetamido-2-deoxy-beta-D-glucopyranose 'C8 H15 N O6'
P15 non-polymer 2,5,8,11,14,17-HEXAOXANONADECAN-19-OL 'C13 H28 O7'
PG0 non-polymer 2-(2-METHOXYETHOXY)ETHANOL 'C5 H12 O3'
TOE non-polymer 2-[2-(2-METHOXY-ETHOXY)-ETHOXY]-ETHOXYL 'C7 H16 O4'
#
# COMPACT_ATOMS: atom_id res chain seq x y z
N GLU A 1 22.09 19.37 -62.30
CA GLU A 1 21.49 18.11 -62.73
C GLU A 1 22.16 17.63 -64.02
N GLY A 2 22.34 16.32 -64.14
CA GLY A 2 22.91 15.76 -65.35
C GLY A 2 23.87 14.62 -65.14
N ARG A 3 24.79 14.76 -64.19
CA ARG A 3 25.79 13.74 -63.91
C ARG A 3 25.63 13.11 -62.53
N GLU A 4 24.61 13.49 -61.77
CA GLU A 4 24.43 13.00 -60.42
C GLU A 4 23.54 11.76 -60.42
N ASP A 5 23.35 11.19 -59.24
CA ASP A 5 22.51 10.01 -59.06
C ASP A 5 21.05 10.38 -59.31
N PRO A 6 20.43 9.89 -60.40
CA PRO A 6 19.03 10.27 -60.67
C PRO A 6 18.03 9.74 -59.67
N GLN A 7 18.42 8.79 -58.82
CA GLN A 7 17.52 8.23 -57.82
C GLN A 7 17.54 9.02 -56.52
N LEU A 8 18.23 10.15 -56.48
CA LEU A 8 18.36 10.95 -55.27
C LEU A 8 17.82 12.37 -55.42
N LEU A 9 17.10 12.66 -56.50
CA LEU A 9 16.56 13.99 -56.74
C LEU A 9 15.05 13.93 -56.72
N VAL A 10 14.43 14.74 -55.87
CA VAL A 10 13.01 14.71 -55.58
C VAL A 10 12.52 16.16 -55.47
N ARG A 11 11.24 16.37 -55.75
CA ARG A 11 10.61 17.68 -55.62
C ARG A 11 9.55 17.65 -54.55
N VAL A 12 9.60 18.61 -53.63
CA VAL A 12 8.56 18.81 -52.63
C VAL A 12 7.88 20.14 -52.90
N ARG A 13 6.86 20.47 -52.09
CA ARG A 13 6.05 21.67 -52.32
C ARG A 13 6.89 22.94 -52.41
N GLY A 14 8.05 22.96 -51.75
CA GLY A 14 8.87 24.15 -51.69
C GLY A 14 10.02 24.22 -52.66
N GLY A 15 10.28 23.17 -53.43
CA GLY A 15 11.35 23.19 -54.39
C GLY A 15 11.96 21.81 -54.56
N GLN A 16 13.08 21.77 -55.28
CA GLN A 16 13.80 20.54 -55.55
C GLN A 16 14.83 20.24 -54.46
N LEU A 17 15.03 18.96 -54.20
CA LEU A 17 16.00 18.50 -53.22
C LEU A 17 16.91 17.45 -53.83
N ARG A 18 18.14 17.38 -53.31
CA ARG A 18 19.06 16.30 -53.62
C ARG A 18 19.42 15.58 -52.33
N GLY A 19 19.09 14.29 -52.26
CA GLY A 19 19.42 13.47 -51.12
C GLY A 19 20.76 12.79 -51.28
N ILE A 20 21.03 11.86 -50.37
CA ILE A 20 22.30 11.16 -50.32
C ILE A 20 22.06 9.67 -50.13
N ARG A 21 22.84 8.85 -50.82
CA ARG A 21 22.76 7.41 -50.74
C ARG A 21 23.64 6.94 -49.58
N LEU A 22 23.01 6.44 -48.53
CA LEU A 22 23.72 6.02 -47.32
C LEU A 22 23.87 4.51 -47.27
N LYS A 23 24.92 4.06 -46.61
CA LYS A 23 25.16 2.63 -46.40
C LYS A 23 24.56 2.19 -45.08
N ALA A 24 23.68 1.21 -45.14
CA ALA A 24 23.27 0.41 -43.99
C ALA A 24 23.94 -0.95 -44.08
N PRO A 25 24.04 -1.69 -42.96
CA PRO A 25 24.75 -2.98 -43.00
C PRO A 25 24.28 -3.93 -44.09
N GLY A 26 23.00 -3.90 -44.45
CA GLY A 26 22.47 -4.80 -45.45
C GLY A 26 22.15 -4.19 -46.81
N GLY A 27 22.56 -2.95 -47.07
CA GLY A 27 22.28 -2.32 -48.34
C GLY A 27 22.13 -0.81 -48.23
N PRO A 28 21.91 -0.15 -49.36
CA PRO A 28 21.81 1.31 -49.35
C PRO A 28 20.41 1.80 -49.00
N VAL A 29 20.37 3.04 -48.49
CA VAL A 29 19.13 3.74 -48.20
C VAL A 29 19.23 5.15 -48.76
N SER A 30 18.06 5.74 -49.04
CA SER A 30 18.00 7.14 -49.45
C SER A 30 17.78 8.00 -48.22
N ALA A 31 18.55 9.09 -48.11
CA ALA A 31 18.44 10.02 -47.00
C ALA A 31 18.29 11.43 -47.53
N PHE A 32 17.26 12.12 -47.06
CA PHE A 32 17.03 13.52 -47.40
C PHE A 32 17.07 14.30 -46.09
N LEU A 33 18.22 14.90 -45.80
CA LEU A 33 18.52 15.47 -44.50
C LEU A 33 18.50 16.99 -44.56
N GLY A 34 17.95 17.61 -43.52
CA GLY A 34 17.97 19.05 -43.42
C GLY A 34 16.97 19.78 -44.30
N ILE A 35 15.83 19.16 -44.58
CA ILE A 35 14.78 19.81 -45.37
C ILE A 35 14.11 20.87 -44.51
N PRO A 36 14.08 22.13 -44.96
CA PRO A 36 13.40 23.18 -44.17
C PRO A 36 11.90 23.07 -44.34
N PHE A 37 11.17 23.11 -43.22
CA PHE A 37 9.71 23.10 -43.26
C PHE A 37 9.08 24.36 -42.69
N ALA A 38 9.88 25.32 -42.22
CA ALA A 38 9.33 26.56 -41.69
C ALA A 38 10.29 27.69 -41.95
N GLU A 39 9.76 28.90 -41.92
CA GLU A 39 10.62 30.08 -41.91
C GLU A 39 11.40 30.12 -40.60
N PRO A 40 12.68 30.47 -40.64
CA PRO A 40 13.50 30.44 -39.41
C PRO A 40 12.89 31.29 -38.33
N PRO A 41 12.51 30.68 -37.19
CA PRO A 41 11.84 31.42 -36.10
C PRO A 41 12.82 32.30 -35.32
N VAL A 42 13.36 33.29 -36.02
CA VAL A 42 14.44 34.12 -35.49
C VAL A 42 13.96 35.56 -35.38
N GLY A 43 14.77 36.37 -34.70
CA GLY A 43 14.50 37.79 -34.61
C GLY A 43 13.15 38.08 -33.99
N SER A 44 12.31 38.81 -34.72
CA SER A 44 10.98 39.15 -34.25
C SER A 44 10.03 37.94 -34.26
N ARG A 45 10.44 36.82 -34.83
CA ARG A 45 9.63 35.61 -34.82
C ARG A 45 9.95 34.69 -33.65
N ARG A 46 10.86 35.09 -32.76
CA ARG A 46 11.12 34.30 -31.57
C ARG A 46 9.87 34.27 -30.69
N PHE A 47 9.55 33.08 -30.18
CA PHE A 47 8.36 32.75 -29.40
C PHE A 47 7.09 32.69 -30.25
N MET A 48 7.18 32.98 -31.55
CA MET A 48 5.98 33.01 -32.39
C MET A 48 5.67 31.63 -32.94
N PRO A 49 4.41 31.39 -33.32
CA PRO A 49 4.09 30.15 -34.02
C PRO A 49 4.86 30.06 -35.31
N PRO A 50 5.18 28.85 -35.76
CA PRO A 50 5.99 28.70 -36.97
C PRO A 50 5.21 29.12 -38.21
N GLU A 51 5.94 29.68 -39.17
CA GLU A 51 5.33 30.02 -40.44
C GLU A 51 5.84 29.07 -41.52
N PRO A 52 4.98 28.64 -42.43
CA PRO A 52 5.40 27.67 -43.45
C PRO A 52 6.59 28.18 -44.27
N LYS A 53 7.51 27.27 -44.56
CA LYS A 53 8.71 27.61 -45.33
C LYS A 53 8.33 28.11 -46.71
N ARG A 54 8.80 29.30 -47.06
CA ARG A 54 8.54 29.85 -48.37
C ARG A 54 9.38 29.13 -49.41
N PRO A 55 8.84 28.88 -50.60
CA PRO A 55 9.57 28.10 -51.61
C PRO A 55 10.90 28.74 -51.98
N TRP A 56 11.86 27.89 -52.32
CA TRP A 56 13.20 28.29 -52.73
C TRP A 56 13.41 27.97 -54.21
N SER A 57 14.52 28.46 -54.75
CA SER A 57 14.91 28.19 -56.12
C SER A 57 16.14 27.31 -56.15
N GLY A 58 16.37 26.68 -57.29
CA GLY A 58 17.48 25.75 -57.44
C GLY A 58 17.26 24.47 -56.64
N VAL A 59 18.27 23.61 -56.68
CA VAL A 59 18.24 22.34 -55.98
C VAL A 59 18.83 22.53 -54.59
N LEU A 60 18.00 22.37 -53.56
CA LEU A 60 18.48 22.43 -52.19
C LEU A 60 19.27 21.16 -51.87
N ASP A 61 20.47 21.35 -51.34
CA ASP A 61 21.29 20.21 -50.92
C ASP A 61 20.73 19.63 -49.62
N ALA A 62 20.29 18.39 -49.66
CA ALA A 62 19.72 17.73 -48.49
C ALA A 62 20.55 16.53 -48.07
N THR A 63 21.87 16.72 -47.96
CA THR A 63 22.78 15.61 -47.70
C THR A 63 23.37 15.60 -46.29
N THR A 64 23.13 16.62 -45.48
CA THR A 64 23.67 16.66 -44.13
C THR A 64 22.60 17.15 -43.16
N PHE A 65 22.80 16.84 -41.88
CA PHE A 65 21.90 17.29 -40.84
C PHE A 65 22.06 18.80 -40.62
N GLN A 66 20.95 19.44 -40.28
CA GLN A 66 20.93 20.87 -40.08
C GLN A 66 21.13 21.22 -38.61
N ASN A 67 21.05 22.52 -38.30
CA ASN A 67 21.32 23.00 -36.96
C ASN A 67 20.39 22.35 -35.94
N VAL A 68 20.91 22.19 -34.74
CA VAL A 68 20.11 21.77 -33.59
C VAL A 68 19.51 23.01 -32.96
N CYS A 69 18.25 22.90 -32.51
CA CYS A 69 17.59 24.02 -31.89
C CYS A 69 18.33 24.43 -30.62
N TYR A 70 18.42 25.74 -30.39
CA TYR A 70 19.24 26.26 -29.31
C TYR A 70 18.79 25.71 -27.97
N GLN A 71 19.74 25.20 -27.19
CA GLN A 71 19.38 24.46 -25.99
C GLN A 71 20.59 24.34 -25.07
N TYR A 72 20.30 23.84 -23.87
CA TYR A 72 21.31 23.56 -22.86
C TYR A 72 22.21 22.40 -23.31
N VAL A 73 23.48 22.49 -22.92
CA VAL A 73 24.45 21.43 -23.19
C VAL A 73 24.82 20.79 -21.87
N ASP A 74 24.50 19.50 -21.73
CA ASP A 74 24.70 18.80 -20.46
C ASP A 74 26.19 18.68 -20.15
N THR A 75 26.55 19.04 -18.92
CA THR A 75 27.94 19.01 -18.48
C THR A 75 28.13 18.16 -17.21
N LEU A 76 27.15 17.31 -16.88
CA LEU A 76 27.21 16.59 -15.61
C LEU A 76 28.45 15.71 -15.53
N TYR A 77 28.61 14.80 -16.48
CA TYR A 77 29.81 13.98 -16.60
C TYR A 77 30.46 14.32 -17.93
N PRO A 78 31.33 15.34 -17.97
CA PRO A 78 31.84 15.84 -19.25
C PRO A 78 32.71 14.79 -19.94
N GLY A 79 32.38 14.50 -21.20
CA GLY A 79 33.11 13.51 -21.97
C GLY A 79 32.65 12.08 -21.76
N PHE A 80 31.79 11.84 -20.78
CA PHE A 80 31.22 10.52 -20.56
C PHE A 80 30.15 10.25 -21.61
N GLU A 81 30.30 9.16 -22.37
CA GLU A 81 29.39 8.91 -23.48
C GLU A 81 27.95 8.77 -23.03
N GLY A 82 27.71 8.38 -21.78
CA GLY A 82 26.34 8.28 -21.29
C GLY A 82 25.60 9.60 -21.36
N THR A 83 26.30 10.71 -21.11
CA THR A 83 25.67 12.02 -21.24
C THR A 83 25.87 12.62 -22.62
N GLU A 84 27.04 12.44 -23.23
CA GLU A 84 27.35 13.14 -24.47
C GLU A 84 26.50 12.66 -25.64
N MET A 85 26.09 11.39 -25.62
CA MET A 85 25.27 10.86 -26.71
C MET A 85 23.96 11.61 -26.89
N TRP A 86 23.49 12.29 -25.84
CA TRP A 86 22.27 13.08 -25.92
C TRP A 86 22.53 14.54 -26.27
N ASN A 87 23.77 14.99 -26.20
CA ASN A 87 24.10 16.39 -26.42
C ASN A 87 24.05 16.73 -27.91
N PRO A 88 23.87 18.02 -28.24
CA PRO A 88 23.79 18.42 -29.64
C PRO A 88 25.02 17.99 -30.43
N ASN A 89 24.79 17.54 -31.67
CA ASN A 89 25.87 17.11 -32.54
C ASN A 89 25.99 17.94 -33.80
N ARG A 90 25.27 19.06 -33.90
CA ARG A 90 25.50 20.09 -34.89
C ARG A 90 25.55 21.44 -34.18
N GLU A 91 25.69 22.50 -34.97
CA GLU A 91 25.71 23.84 -34.43
C GLU A 91 24.36 24.19 -33.81
N LEU A 92 24.41 24.90 -32.68
CA LEU A 92 23.20 25.43 -32.06
C LEU A 92 22.75 26.69 -32.78
N SER A 93 21.47 26.75 -33.12
CA SER A 93 20.92 27.92 -33.78
C SER A 93 19.41 27.97 -33.58
N GLU A 94 18.89 29.19 -33.46
CA GLU A 94 17.45 29.38 -33.49
C GLU A 94 16.88 29.00 -34.86
N ASP A 95 17.65 29.24 -35.92
CA ASP A 95 17.36 28.72 -37.24
C ASP A 95 17.56 27.20 -37.22
N CYS A 96 16.49 26.45 -36.96
CA CYS A 96 16.64 25.03 -36.71
C CYS A 96 15.44 24.19 -37.13
N LEU A 97 14.42 24.77 -37.76
CA LEU A 97 13.20 24.01 -38.09
C LEU A 97 13.42 23.30 -39.42
N TYR A 98 14.13 22.18 -39.36
CA TYR A 98 14.36 21.31 -40.49
C TYR A 98 13.97 19.89 -40.12
N LEU A 99 13.68 19.07 -41.13
CA LEU A 99 13.33 17.67 -40.90
C LEU A 99 14.17 16.78 -41.81
N ASN A 100 14.08 15.48 -41.55
CA ASN A 100 14.87 14.47 -42.27
C ASN A 100 13.96 13.34 -42.72
N VAL A 101 14.36 12.69 -43.82
CA VAL A 101 13.59 11.59 -44.41
C VAL A 101 14.53 10.45 -44.78
N TRP A 102 14.19 9.24 -44.35
CA TRP A 102 14.88 8.03 -44.79
C TRP A 102 13.89 7.16 -45.55
N THR A 103 14.32 6.64 -46.70
CA THR A 103 13.52 5.69 -47.47
C THR A 103 14.44 4.57 -47.96
N PRO A 104 13.89 3.46 -48.45
CA PRO A 104 14.72 2.49 -49.17
C PRO A 104 15.36 3.13 -50.40
N TYR A 105 16.46 2.52 -50.84
CA TYR A 105 17.14 2.93 -52.07
C TYR A 105 17.14 1.76 -53.04
N PRO A 106 16.50 1.90 -54.23
CA PRO A 106 15.76 3.08 -54.66
C PRO A 106 14.45 3.26 -53.91
N ARG A 107 13.81 4.41 -54.06
CA ARG A 107 12.62 4.72 -53.31
C ARG A 107 11.51 3.73 -53.63
N PRO A 108 10.59 3.47 -52.69
CA PRO A 108 9.60 2.41 -52.89
C PRO A 108 8.68 2.70 -54.08
N ALA A 109 8.28 1.62 -54.75
CA ALA A 109 7.43 1.75 -55.93
C ALA A 109 5.96 1.96 -55.55
N SER A 110 5.53 1.41 -54.43
CA SER A 110 4.16 1.50 -53.96
C SER A 110 4.10 2.26 -52.63
N PRO A 111 2.96 2.88 -52.30
CA PRO A 111 2.90 3.73 -51.11
C PRO A 111 3.23 2.95 -49.83
N THR A 112 4.17 3.49 -49.07
CA THR A 112 4.74 2.80 -47.92
C THR A 112 4.37 3.50 -46.62
N PRO A 113 3.95 2.76 -45.60
CA PRO A 113 3.62 3.38 -44.31
C PRO A 113 4.75 4.22 -43.76
N VAL A 114 4.39 5.34 -43.12
CA VAL A 114 5.34 6.34 -42.67
C VAL A 114 5.39 6.32 -41.15
N LEU A 115 6.61 6.42 -40.61
CA LEU A 115 6.85 6.60 -39.19
C LEU A 115 7.49 7.96 -38.96
N ILE A 116 6.90 8.75 -38.06
CA ILE A 116 7.43 10.06 -37.70
C ILE A 116 7.93 10.00 -36.27
N TRP A 117 9.19 10.38 -36.07
CA TRP A 117 9.83 10.34 -34.76
C TRP A 117 9.81 11.73 -34.14
N ILE A 118 9.44 11.79 -32.86
CA ILE A 118 9.48 13.01 -32.07
C ILE A 118 10.41 12.75 -30.90
N TYR A 119 11.56 13.42 -30.88
CA TYR A 119 12.55 13.15 -29.85
C TYR A 119 12.13 13.72 -28.51
N GLY A 120 12.71 13.17 -27.46
CA GLY A 120 12.54 13.67 -26.11
C GLY A 120 13.66 14.59 -25.70
N GLY A 121 13.74 14.85 -24.39
CA GLY A 121 14.74 15.76 -23.87
C GLY A 121 14.12 16.81 -22.97
N GLY A 122 13.07 16.42 -22.24
CA GLY A 122 12.45 17.28 -21.25
C GLY A 122 11.91 18.60 -21.76
N PHE A 123 11.67 18.71 -23.07
CA PHE A 123 11.23 19.94 -23.73
C PHE A 123 12.25 21.07 -23.64
N TYR A 124 13.47 20.77 -23.20
CA TYR A 124 14.53 21.75 -23.13
C TYR A 124 15.74 21.37 -23.98
N SER A 125 15.71 20.20 -24.61
CA SER A 125 16.86 19.66 -25.32
C SER A 125 16.38 18.61 -26.31
N GLY A 126 17.32 18.16 -27.15
CA GLY A 126 17.01 17.12 -28.12
C GLY A 126 17.29 17.53 -29.55
N ALA A 127 17.40 16.56 -30.44
CA ALA A 127 17.73 16.81 -31.84
C ALA A 127 17.45 15.57 -32.65
N ALA A 128 16.84 15.75 -33.82
CA ALA A 128 16.54 14.63 -34.71
C ALA A 128 17.78 14.08 -35.40
N SER A 129 18.96 14.67 -35.17
CA SER A 129 20.20 14.28 -35.81
C SER A 129 21.07 13.38 -34.93
N LEU A 130 20.61 13.02 -33.74
CA LEU A 130 21.41 12.19 -32.85
C LEU A 130 21.55 10.79 -33.43
N ASP A 131 22.66 10.13 -33.09
CA ASP A 131 22.92 8.79 -33.61
C ASP A 131 21.85 7.79 -33.20
N VAL A 132 21.26 7.98 -32.02
CA VAL A 132 20.26 7.02 -31.53
C VAL A 132 18.99 7.05 -32.36
N TYR A 133 18.76 8.10 -33.13
CA TYR A 133 17.55 8.22 -33.94
C TYR A 133 17.84 8.01 -35.43
N ASP A 134 18.86 7.20 -35.74
CA ASP A 134 19.27 6.95 -37.13
C ASP A 134 18.23 6.09 -37.82
N GLY A 135 17.52 6.66 -38.79
CA GLY A 135 16.48 5.93 -39.47
C GLY A 135 16.94 4.97 -40.55
N ARG A 136 18.24 4.79 -40.74
CA ARG A 136 18.72 4.02 -41.89
C ARG A 136 18.43 2.52 -41.74
N PHE A 137 18.32 2.02 -40.51
CA PHE A 137 18.08 0.59 -40.33
C PHE A 137 16.62 0.24 -40.51
N LEU A 138 15.71 1.04 -39.93
CA LEU A 138 14.29 0.83 -40.18
C LEU A 138 13.97 0.99 -41.66
N ALA A 139 14.62 1.96 -42.31
CA ALA A 139 14.40 2.17 -43.75
C ALA A 139 14.89 0.97 -44.55
N GLN A 140 16.08 0.46 -44.23
CA GLN A 140 16.66 -0.62 -45.00
C GLN A 140 16.02 -1.97 -44.68
N VAL A 141 15.95 -2.32 -43.39
CA VAL A 141 15.55 -3.66 -43.01
C VAL A 141 14.04 -3.83 -43.14
N GLU A 142 13.26 -2.81 -42.78
CA GLU A 142 11.81 -2.90 -42.79
C GLU A 142 11.15 -2.17 -43.96
N GLY A 143 11.93 -1.53 -44.83
CA GLY A 143 11.35 -0.79 -45.93
C GLY A 143 10.49 0.38 -45.50
N ALA A 144 10.73 0.91 -44.30
CA ALA A 144 9.93 2.01 -43.79
C ALA A 144 10.39 3.34 -44.38
N VAL A 145 9.45 4.28 -44.45
CA VAL A 145 9.77 5.68 -44.67
C VAL A 145 9.73 6.36 -43.31
N LEU A 146 10.87 6.87 -42.87
CA LEU A 146 10.99 7.48 -41.54
C LEU A 146 11.24 8.97 -41.68
N VAL A 147 10.49 9.76 -40.91
CA VAL A 147 10.62 11.21 -40.88
C VAL A 147 10.87 11.64 -39.45
N SER A 148 11.84 12.53 -39.26
CA SER A 148 12.11 13.11 -37.95
C SER A 148 12.32 14.60 -38.13
N MET A 149 11.78 15.38 -37.19
CA MET A 149 11.83 16.84 -37.29
C MET A 149 12.43 17.43 -36.03
N ASN A 150 13.12 18.56 -36.22
CA ASN A 150 13.50 19.40 -35.10
C ASN A 150 12.33 20.28 -34.71
N TYR A 151 12.15 20.48 -33.41
CA TYR A 151 11.18 21.44 -32.90
C TYR A 151 11.84 22.26 -31.80
N ARG A 152 11.38 23.49 -31.66
CA ARG A 152 11.97 24.40 -30.70
C ARG A 152 11.72 23.90 -29.28
N VAL A 153 12.73 24.05 -28.42
CA VAL A 153 12.69 23.54 -27.06
C VAL A 153 13.06 24.67 -26.11
N GLY A 154 12.90 24.41 -24.81
CA GLY A 154 13.22 25.41 -23.81
C GLY A 154 12.31 26.62 -23.93
N THR A 155 12.89 27.79 -23.68
CA THR A 155 12.12 29.03 -23.78
C THR A 155 11.64 29.27 -25.20
N PHE A 156 12.49 28.99 -26.19
CA PHE A 156 12.15 29.27 -27.58
C PHE A 156 10.94 28.46 -28.03
N GLY A 157 10.75 27.27 -27.47
CA GLY A 157 9.62 26.45 -27.86
C GLY A 157 8.41 26.58 -26.96
N PHE A 158 8.60 27.02 -25.72
CA PHE A 158 7.51 26.88 -24.76
C PHE A 158 7.35 28.01 -23.77
N LEU A 159 8.24 29.01 -23.71
CA LEU A 159 7.96 30.19 -22.91
C LEU A 159 6.64 30.81 -23.36
N ALA A 160 5.75 31.05 -22.41
CA ALA A 160 4.41 31.51 -22.74
C ALA A 160 3.97 32.60 -21.77
N LEU A 161 3.42 33.67 -22.33
CA LEU A 161 2.60 34.60 -21.56
C LEU A 161 1.18 34.37 -22.02
N PRO A 162 0.46 33.42 -21.42
CA PRO A 162 -0.81 32.94 -21.98
C PRO A 162 -1.80 34.08 -22.20
N GLY A 163 -2.45 34.05 -23.35
CA GLY A 163 -3.35 35.10 -23.77
C GLY A 163 -2.71 36.19 -24.60
N SER A 164 -1.38 36.29 -24.59
CA SER A 164 -0.70 37.30 -25.39
C SER A 164 -0.65 36.89 -26.85
N ARG A 165 -0.31 37.86 -27.70
CA ARG A 165 -0.14 37.66 -29.12
C ARG A 165 1.28 37.23 -29.48
N GLU A 166 2.27 37.78 -28.76
CA GLU A 166 3.67 37.60 -29.12
C GLU A 166 4.30 36.36 -28.51
N ALA A 167 3.67 35.77 -27.49
CA ALA A 167 4.17 34.54 -26.88
C ALA A 167 2.99 33.70 -26.43
N PRO A 168 2.27 33.09 -27.38
CA PRO A 168 1.05 32.34 -27.01
C PRO A 168 1.33 31.01 -26.34
N GLY A 169 2.53 30.47 -26.48
CA GLY A 169 2.87 29.19 -25.91
C GLY A 169 2.60 28.03 -26.84
N ASN A 170 3.27 26.92 -26.56
CA ASN A 170 3.15 25.65 -27.28
C ASN A 170 3.66 25.71 -28.71
N VAL A 171 4.39 26.77 -29.08
CA VAL A 171 4.86 26.89 -30.47
C VAL A 171 5.80 25.74 -30.81
N GLY A 172 6.48 25.16 -29.81
CA GLY A 172 7.25 23.96 -30.06
C GLY A 172 6.39 22.81 -30.55
N LEU A 173 5.18 22.68 -29.98
CA LEU A 173 4.24 21.69 -30.50
C LEU A 173 3.70 22.09 -31.86
N LEU A 174 3.54 23.39 -32.10
CA LEU A 174 3.13 23.86 -33.42
C LEU A 174 4.22 23.61 -34.46
N ASP A 175 5.50 23.68 -34.06
CA ASP A 175 6.57 23.25 -34.94
C ASP A 175 6.39 21.80 -35.36
N GLN A 176 6.07 20.93 -34.40
CA GLN A 176 5.85 19.53 -34.71
C GLN A 176 4.66 19.34 -35.64
N ARG A 177 3.57 20.08 -35.40
CA ARG A 177 2.37 19.93 -36.21
C ARG A 177 2.63 20.38 -37.65
N LEU A 178 3.41 21.45 -37.83
CA LEU A 178 3.74 21.91 -39.17
C LEU A 178 4.51 20.85 -39.94
N ALA A 179 5.37 20.10 -39.26
CA ALA A 179 6.09 19.01 -39.91
C ALA A 179 5.14 17.87 -40.28
N LEU A 180 4.17 17.58 -39.40
CA LEU A 180 3.17 16.57 -39.75
C LEU A 180 2.37 17.00 -40.97
N GLN A 181 2.05 18.29 -41.07
CA GLN A 181 1.39 18.79 -42.27
C GLN A 181 2.30 18.66 -43.49
N TRP A 182 3.59 18.91 -43.32
CA TRP A 182 4.55 18.75 -44.42
C TRP A 182 4.59 17.32 -44.92
N VAL A 183 4.45 16.35 -44.00
CA VAL A 183 4.40 14.95 -44.41
C VAL A 183 3.13 14.66 -45.19
N GLN A 184 2.02 15.28 -44.79
CA GLN A 184 0.76 15.09 -45.50
C GLN A 184 0.88 15.49 -46.96
N GLU A 185 1.48 16.65 -47.22
CA GLU A 185 1.52 17.17 -48.59
C GLU A 185 2.63 16.51 -49.42
N ASN A 186 3.77 16.19 -48.81
CA ASN A 186 4.97 15.93 -49.57
C ASN A 186 5.49 14.50 -49.50
N ILE A 187 5.12 13.70 -48.49
CA ILE A 187 5.74 12.40 -48.32
C ILE A 187 5.46 11.47 -49.49
N ALA A 188 4.41 11.74 -50.28
CA ALA A 188 4.15 10.92 -51.45
C ALA A 188 5.27 11.04 -52.48
N ALA A 189 5.93 12.20 -52.54
CA ALA A 189 7.06 12.37 -53.45
C ALA A 189 8.19 11.38 -53.16
N PHE A 190 8.24 10.84 -51.93
CA PHE A 190 9.29 9.92 -51.54
C PHE A 190 8.85 8.46 -51.58
N GLY A 191 7.57 8.20 -51.86
CA GLY A 191 7.04 6.87 -51.79
C GLY A 191 6.31 6.54 -50.51
N GLY A 192 6.14 7.51 -49.61
CA GLY A 192 5.42 7.26 -48.38
C GLY A 192 3.91 7.40 -48.57
N ASP A 193 3.18 6.68 -47.72
CA ASP A 193 1.72 6.68 -47.76
C ASP A 193 1.20 7.68 -46.74
N PRO A 194 0.70 8.84 -47.17
CA PRO A 194 0.16 9.81 -46.19
C PRO A 194 -1.08 9.32 -45.47
N MET A 195 -1.71 8.24 -45.95
CA MET A 195 -2.87 7.66 -45.29
C MET A 195 -2.48 6.56 -44.29
N SER A 196 -1.18 6.37 -44.05
CA SER A 196 -0.68 5.40 -43.07
C SER A 196 0.52 6.04 -42.39
N VAL A 197 0.24 6.92 -41.43
CA VAL A 197 1.26 7.72 -40.75
C VAL A 197 1.18 7.44 -39.25
N THR A 198 2.27 6.93 -38.70
CA THR A 198 2.36 6.61 -37.27
C THR A 198 3.37 7.53 -36.60
N LEU A 199 2.95 8.14 -35.49
CA LEU A 199 3.86 8.92 -34.66
C LEU A 199 4.46 8.02 -33.59
N PHE A 200 5.75 8.17 -33.35
CA PHE A 200 6.36 7.52 -32.19
C PHE A 200 7.44 8.42 -31.61
N GLY A 201 7.52 8.44 -30.28
CA GLY A 201 8.43 9.31 -29.57
C GLY A 201 8.66 8.77 -28.18
N GLU A 202 9.61 9.39 -27.49
CA GLU A 202 10.04 8.91 -26.18
C GLU A 202 10.21 10.08 -25.24
N SER A 203 9.85 9.87 -23.97
CA SER A 203 9.95 10.88 -22.91
C SER A 203 9.10 12.08 -23.33
N ALA A 204 9.67 13.29 -23.41
CA ALA A 204 8.89 14.44 -23.85
C ALA A 204 8.38 14.26 -25.28
N GLY A 205 9.09 13.47 -26.09
CA GLY A 205 8.57 13.14 -27.40
C GLY A 205 7.31 12.30 -27.32
N ALA A 206 7.27 11.34 -26.39
CA ALA A 206 6.06 10.56 -26.19
C ALA A 206 4.92 11.44 -25.68
N ALA A 207 5.22 12.36 -24.76
CA ALA A 207 4.20 13.29 -24.30
C ALA A 207 3.73 14.18 -25.45
N SER A 208 4.64 14.58 -26.33
CA SER A 208 4.27 15.35 -27.51
C SER A 208 3.28 14.57 -28.37
N VAL A 209 3.59 13.30 -28.65
CA VAL A 209 2.69 12.45 -29.42
C VAL A 209 1.32 12.42 -28.76
N GLY A 210 1.29 12.19 -27.44
CA GLY A 210 0.02 12.17 -26.72
C GLY A 210 -0.74 13.47 -26.80
N MET A 211 -0.03 14.60 -26.89
CA MET A 211 -0.72 15.88 -26.99
C MET A 211 -1.31 16.10 -28.38
N HIS A 212 -0.69 15.53 -29.43
CA HIS A 212 -1.31 15.55 -30.75
C HIS A 212 -2.56 14.69 -30.78
N ILE A 213 -2.59 13.62 -29.99
CA ILE A 213 -3.80 12.82 -29.85
C ILE A 213 -4.93 13.66 -29.27
N LEU A 214 -4.58 14.56 -28.34
CA LEU A 214 -5.58 15.32 -27.60
C LEU A 214 -5.94 16.65 -28.24
N SER A 215 -5.23 17.07 -29.28
CA SER A 215 -5.52 18.31 -29.98
C SER A 215 -6.20 18.01 -31.31
N LEU A 216 -7.35 18.65 -31.55
CA LEU A 216 -8.18 18.42 -32.73
C LEU A 216 -7.40 18.59 -34.04
N PRO A 217 -6.75 19.73 -34.29
CA PRO A 217 -6.11 19.91 -35.61
C PRO A 217 -5.03 18.88 -35.92
N SER A 218 -4.41 18.31 -34.89
CA SER A 218 -3.39 17.29 -35.12
C SER A 218 -3.98 15.92 -35.46
N ARG A 219 -5.22 15.65 -35.04
CA ARG A 219 -5.76 14.30 -35.17
C ARG A 219 -5.90 13.88 -36.63
N SER A 220 -6.11 14.84 -37.55
CA SER A 220 -6.27 14.53 -38.96
C SER A 220 -4.94 14.42 -39.69
N LEU A 221 -3.82 14.34 -38.98
CA LEU A 221 -2.51 14.27 -39.60
C LEU A 221 -1.80 12.95 -39.34
N PHE A 222 -2.40 12.03 -38.61
CA PHE A 222 -1.79 10.74 -38.32
C PHE A 222 -2.88 9.75 -37.97
N HIS A 223 -2.50 8.47 -37.93
CA HIS A 223 -3.46 7.39 -37.72
C HIS A 223 -3.10 6.45 -36.56
N ARG A 224 -1.86 6.43 -36.11
CA ARG A 224 -1.45 5.56 -35.02
C ARG A 224 -0.36 6.25 -34.23
N ALA A 225 -0.21 5.86 -32.98
CA ALA A 225 0.71 6.53 -32.07
C ALA A 225 1.41 5.53 -31.17
N VAL A 226 2.71 5.74 -30.98
CA VAL A 226 3.50 4.97 -30.02
C VAL A 226 4.07 5.96 -29.01
N LEU A 227 3.89 5.67 -27.73
CA LEU A 227 4.32 6.54 -26.64
C LEU A 227 5.26 5.74 -25.74
N GLN A 228 6.55 6.00 -25.87
CA GLN A 228 7.57 5.28 -25.11
C GLN A 228 8.01 6.13 -23.92
N SER A 229 7.73 5.65 -22.71
CA SER A 229 8.23 6.25 -21.47
C SER A 229 7.84 7.73 -21.34
N GLY A 230 6.62 8.06 -21.75
CA GLY A 230 6.14 9.43 -21.66
C GLY A 230 4.67 9.55 -21.98
N THR A 231 3.99 10.50 -21.34
CA THR A 231 2.55 10.67 -21.46
C THR A 231 2.21 12.15 -21.41
N PRO A 232 1.14 12.57 -22.07
CA PRO A 232 0.70 13.96 -21.91
C PRO A 232 0.15 14.25 -20.53
N ASN A 233 -0.51 13.27 -19.91
CA ASN A 233 -0.90 13.40 -18.52
C ASN A 233 0.32 13.21 -17.62
N GLY A 234 0.14 13.47 -16.34
CA GLY A 234 1.22 13.32 -15.39
C GLY A 234 1.76 14.65 -14.91
N PRO A 235 2.76 14.60 -14.02
CA PRO A 235 3.13 15.79 -13.27
C PRO A 235 4.11 16.73 -13.96
N TRP A 236 4.81 16.29 -15.00
CA TRP A 236 5.86 17.11 -15.60
C TRP A 236 5.56 17.61 -17.00
N ALA A 237 4.65 16.98 -17.74
CA ALA A 237 4.51 17.24 -19.17
C ALA A 237 3.79 18.55 -19.47
N THR A 238 3.00 19.08 -18.54
CA THR A 238 2.25 20.31 -18.78
C THR A 238 2.31 21.19 -17.54
N VAL A 239 2.00 22.48 -17.73
CA VAL A 239 1.80 23.41 -16.63
C VAL A 239 0.58 24.27 -16.92
N SER A 240 -0.02 24.79 -15.85
CA SER A 240 -1.15 25.68 -15.96
C SER A 240 -0.76 26.98 -16.66
N ALA A 241 -1.79 27.74 -17.06
CA ALA A 241 -1.53 29.07 -17.62
C ALA A 241 -0.87 29.96 -16.58
N GLY A 242 -1.43 29.99 -15.36
CA GLY A 242 -0.87 30.83 -14.32
C GLY A 242 0.58 30.50 -13.99
N GLU A 243 0.91 29.21 -13.99
CA GLU A 243 2.28 28.83 -13.66
C GLU A 243 3.24 29.12 -14.81
N ALA A 244 2.77 28.96 -16.05
CA ALA A 244 3.60 29.34 -17.19
C ALA A 244 3.82 30.85 -17.23
N ARG A 245 2.80 31.61 -16.84
CA ARG A 245 2.95 33.07 -16.80
C ARG A 245 3.98 33.49 -15.78
N ARG A 246 4.04 32.81 -14.64
CA ARG A 246 4.96 33.20 -13.58
C ARG A 246 6.41 32.86 -13.96
N ARG A 247 6.63 31.66 -14.52
CA ARG A 247 7.98 31.28 -14.93
C ARG A 247 8.49 32.17 -16.05
N ALA A 248 7.61 32.58 -16.97
CA ALA A 248 8.02 33.49 -18.03
C ALA A 248 8.40 34.85 -17.46
N THR A 249 7.57 35.38 -16.56
CA THR A 249 7.87 36.68 -15.96
C THR A 249 9.14 36.64 -15.14
N LEU A 250 9.35 35.54 -14.40
CA LEU A 250 10.54 35.42 -13.56
C LEU A 250 11.80 35.33 -14.42
N LEU A 251 11.77 34.49 -15.46
CA LEU A 251 12.93 34.40 -16.34
C LEU A 251 13.24 35.74 -16.97
N ALA A 252 12.20 36.46 -17.40
CA ALA A 252 12.41 37.79 -17.97
C ALA A 252 13.14 38.69 -16.99
N ARG A 253 12.78 38.64 -15.71
CA ARG A 253 13.48 39.42 -14.70
C ARG A 253 14.93 38.96 -14.54
N LEU A 254 15.15 37.64 -14.57
CA LEU A 254 16.49 37.11 -14.37
C LEU A 254 17.44 37.51 -15.49
N VAL A 255 16.92 37.80 -16.68
CA VAL A 255 17.74 38.26 -17.80
C VAL A 255 17.64 39.77 -18.00
N GLY A 256 17.00 40.48 -17.07
CA GLY A 256 17.03 41.93 -17.04
C GLY A 256 16.01 42.63 -17.92
N CYS A 257 14.77 42.17 -17.90
CA CYS A 257 13.80 42.76 -18.82
C CYS A 257 12.71 43.61 -18.18
N PRO A 258 12.61 43.70 -16.82
CA PRO A 258 11.35 43.93 -16.10
C PRO A 258 10.13 44.25 -16.97
N ASN A 265 2.35 45.04 -19.00
CA ASN A 265 2.07 44.84 -20.40
C ASN A 265 2.94 43.72 -20.98
N ASP A 266 2.30 42.74 -21.63
CA ASP A 266 3.03 41.59 -22.14
C ASP A 266 3.92 41.98 -23.32
N THR A 267 3.44 42.86 -24.19
CA THR A 267 4.16 43.19 -25.42
C THR A 267 5.55 43.76 -25.12
N GLU A 268 5.63 44.70 -24.16
CA GLU A 268 6.91 45.26 -23.78
C GLU A 268 7.84 44.19 -23.21
N LEU A 269 7.27 43.21 -22.50
CA LEU A 269 8.08 42.16 -21.90
C LEU A 269 8.72 41.27 -22.95
N ILE A 270 7.92 40.79 -23.92
CA ILE A 270 8.46 39.88 -24.92
C ILE A 270 9.37 40.60 -25.90
N ALA A 271 9.07 41.87 -26.20
CA ALA A 271 9.98 42.66 -27.01
C ALA A 271 11.37 42.69 -26.40
N CYS A 272 11.44 42.86 -25.07
CA CYS A 272 12.74 42.85 -24.41
C CYS A 272 13.39 41.47 -24.47
N LEU A 273 12.60 40.42 -24.22
CA LEU A 273 13.14 39.06 -24.29
C LEU A 273 13.70 38.76 -25.67
N ARG A 274 13.06 39.27 -26.72
N ARG A 274 13.06 39.28 -26.72
CA ARG A 274 13.54 39.03 -28.08
CA ARG A 274 13.52 39.06 -28.08
C ARG A 274 14.85 39.73 -28.37
C ARG A 274 14.87 39.72 -28.36
N THR A 275 15.28 40.68 -27.54
CA THR A 275 16.56 41.34 -27.71
C THR A 275 17.70 40.62 -26.98
N ARG A 276 17.39 39.70 -26.08
CA ARG A 276 18.44 39.04 -25.33
C ARG A 276 19.09 37.94 -26.15
N PRO A 277 20.40 37.73 -25.98
CA PRO A 277 21.04 36.60 -26.65
C PRO A 277 20.40 35.27 -26.24
N ALA A 278 20.40 34.33 -27.19
CA ALA A 278 19.81 33.03 -26.92
C ALA A 278 20.48 32.35 -25.73
N GLN A 279 21.80 32.48 -25.62
CA GLN A 279 22.52 31.85 -24.52
C GLN A 279 22.15 32.45 -23.18
N ASP A 280 21.73 33.72 -23.15
CA ASP A 280 21.24 34.31 -21.91
C ASP A 280 19.99 33.58 -21.42
N LEU A 281 19.08 33.25 -22.34
CA LEU A 281 17.86 32.55 -21.96
C LEU A 281 18.16 31.13 -21.48
N VAL A 282 19.05 30.42 -22.16
CA VAL A 282 19.40 29.07 -21.74
C VAL A 282 20.09 29.08 -20.39
N ASP A 283 20.91 30.11 -20.13
CA ASP A 283 21.64 30.19 -18.87
C ASP A 283 20.73 30.32 -17.65
N HIS A 284 19.47 30.72 -17.84
CA HIS A 284 18.58 30.99 -16.72
C HIS A 284 17.31 30.16 -16.72
N GLU A 285 17.06 29.33 -17.74
CA GLU A 285 15.77 28.66 -17.85
C GLU A 285 15.53 27.71 -16.68
N TRP A 286 16.58 27.03 -16.20
CA TRP A 286 16.43 26.05 -15.13
C TRP A 286 16.16 26.68 -13.77
N HIS A 287 16.26 28.01 -13.64
CA HIS A 287 16.21 28.68 -12.36
C HIS A 287 14.79 29.08 -11.94
N VAL A 288 13.77 28.80 -12.75
CA VAL A 288 12.43 29.33 -12.50
C VAL A 288 11.49 28.26 -11.98
N LEU A 289 11.98 27.09 -11.61
CA LEU A 289 11.11 26.06 -11.05
C LEU A 289 10.70 26.45 -9.63
N PRO A 290 9.45 26.17 -9.24
CA PRO A 290 8.98 26.61 -7.92
C PRO A 290 9.62 25.88 -6.76
N GLN A 291 10.15 24.67 -6.98
CA GLN A 291 10.78 23.90 -5.91
C GLN A 291 11.99 23.16 -6.46
N GLU A 292 12.94 22.89 -5.57
CA GLU A 292 14.02 21.96 -5.89
C GLU A 292 13.42 20.61 -6.26
N SER A 293 13.68 20.16 -7.48
CA SER A 293 12.95 19.01 -7.98
C SER A 293 13.78 18.22 -8.98
N ILE A 294 13.42 16.95 -9.12
CA ILE A 294 13.86 16.11 -10.22
C ILE A 294 12.65 15.83 -11.10
N PHE A 295 12.94 15.43 -12.34
CA PHE A 295 11.91 15.13 -13.34
C PHE A 295 10.87 16.25 -13.45
N ARG A 296 11.33 17.50 -13.44
CA ARG A 296 10.48 18.64 -13.78
C ARG A 296 11.28 19.66 -14.57
N PHE A 297 10.62 20.28 -15.54
CA PHE A 297 11.28 21.11 -16.54
C PHE A 297 10.55 22.45 -16.61
N SER A 298 11.33 23.52 -16.78
CA SER A 298 10.79 24.86 -16.59
C SER A 298 9.76 25.21 -17.65
N PHE A 299 10.07 24.92 -18.91
CA PHE A 299 9.24 25.37 -20.02
C PHE A 299 8.77 24.16 -20.80
N VAL A 300 7.48 23.85 -20.66
CA VAL A 300 6.84 22.65 -21.17
C VAL A 300 5.51 23.12 -21.76
N PRO A 301 4.75 22.26 -22.46
CA PRO A 301 3.45 22.69 -22.97
C PRO A 301 2.56 23.24 -21.87
N VAL A 302 1.82 24.29 -22.20
CA VAL A 302 0.93 24.98 -21.26
C VAL A 302 -0.51 24.72 -21.68
N VAL A 303 -1.38 24.52 -20.69
CA VAL A 303 -2.80 24.32 -20.95
C VAL A 303 -3.43 25.68 -21.26
N ASP A 304 -3.48 26.03 -22.54
CA ASP A 304 -3.82 27.37 -22.99
C ASP A 304 -5.30 27.55 -23.32
N GLY A 305 -6.07 26.47 -23.41
CA GLY A 305 -7.41 26.56 -23.97
C GLY A 305 -7.43 26.65 -25.47
N ASP A 306 -6.36 26.21 -26.13
CA ASP A 306 -6.21 26.32 -27.58
C ASP A 306 -5.72 24.99 -28.14
N PHE A 307 -4.40 24.81 -28.16
CA PHE A 307 -3.83 23.49 -28.44
C PHE A 307 -4.38 22.46 -27.46
N LEU A 308 -4.36 22.78 -26.18
CA LEU A 308 -4.97 21.96 -25.14
C LEU A 308 -6.20 22.71 -24.62
N SER A 309 -7.39 22.22 -24.99
CA SER A 309 -8.62 22.85 -24.53
C SER A 309 -8.83 22.68 -23.03
N ASP A 310 -8.17 21.70 -22.43
CA ASP A 310 -8.27 21.44 -21.00
C ASP A 310 -7.01 20.69 -20.59
N THR A 311 -6.96 20.29 -19.33
CA THR A 311 -5.83 19.50 -18.87
C THR A 311 -5.83 18.13 -19.56
N PRO A 312 -4.65 17.57 -19.83
CA PRO A 312 -4.60 16.21 -20.39
C PRO A 312 -5.43 15.20 -19.62
N GLU A 313 -5.43 15.29 -18.29
CA GLU A 313 -6.22 14.38 -17.47
C GLU A 313 -7.70 14.47 -17.82
N ALA A 314 -8.22 15.69 -17.96
CA ALA A 314 -9.63 15.85 -18.31
C ALA A 314 -9.92 15.34 -19.72
N LEU A 315 -8.95 15.45 -20.64
CA LEU A 315 -9.21 15.07 -22.02
C LEU A 315 -9.20 13.56 -22.21
N ILE A 316 -8.24 12.86 -21.59
CA ILE A 316 -8.24 11.40 -21.67
C ILE A 316 -9.39 10.78 -20.88
N ASN A 317 -10.05 11.55 -20.03
CA ASN A 317 -11.23 11.07 -19.31
C ASN A 317 -12.50 11.14 -20.16
N THR A 318 -12.54 12.03 -21.16
CA THR A 318 -13.75 12.29 -21.91
C THR A 318 -13.65 12.06 -23.40
N GLY A 319 -12.44 12.00 -23.96
CA GLY A 319 -12.29 11.89 -25.39
C GLY A 319 -12.81 10.57 -25.95
N ASP A 320 -13.01 10.56 -27.26
CA ASP A 320 -13.41 9.37 -28.00
C ASP A 320 -12.21 8.91 -28.82
N PHE A 321 -11.76 7.68 -28.60
CA PHE A 321 -10.53 7.18 -29.21
C PHE A 321 -10.76 5.84 -29.91
N GLN A 322 -11.98 5.60 -30.40
CA GLN A 322 -12.30 4.30 -31.00
C GLN A 322 -11.45 4.04 -32.24
N ASP A 323 -11.17 5.07 -33.02
CA ASP A 323 -10.42 4.94 -34.26
C ASP A 323 -8.91 4.86 -34.05
N LEU A 324 -8.45 4.87 -32.80
CA LEU A 324 -7.04 5.05 -32.48
C LEU A 324 -6.42 3.74 -32.02
N GLN A 325 -5.26 3.42 -32.57
CA GLN A 325 -4.42 2.33 -32.08
C GLN A 325 -3.17 2.92 -31.46
N VAL A 326 -2.84 2.47 -30.25
CA VAL A 326 -1.76 3.05 -29.47
C VAL A 326 -0.88 1.93 -28.91
N LEU A 327 0.43 2.13 -29.00
CA LEU A 327 1.41 1.29 -28.34
C LEU A 327 2.12 2.12 -27.28
N VAL A 328 2.10 1.65 -26.03
CA VAL A 328 2.72 2.37 -24.92
C VAL A 328 3.54 1.41 -24.08
N GLY A 329 4.52 1.95 -23.38
CA GLY A 329 5.34 1.12 -22.52
C GLY A 329 6.37 1.94 -21.78
N VAL A 330 7.12 1.25 -20.92
CA VAL A 330 8.12 1.84 -20.05
C VAL A 330 9.36 0.95 -20.06
N VAL A 331 10.45 1.49 -19.54
CA VAL A 331 11.65 0.70 -19.29
C VAL A 331 11.64 0.25 -17.83
N LYS A 332 12.51 -0.70 -17.51
CA LYS A 332 12.47 -1.34 -16.19
C LYS A 332 12.73 -0.33 -15.07
N ASP A 333 13.63 0.62 -15.30
CA ASP A 333 14.08 1.54 -14.25
C ASP A 333 13.96 2.99 -14.75
N GLU A 334 12.71 3.44 -14.89
CA GLU A 334 12.46 4.78 -15.42
C GLU A 334 13.10 5.87 -14.57
N GLY A 335 13.22 5.66 -13.27
CA GLY A 335 13.60 6.74 -12.37
C GLY A 335 15.08 6.94 -12.12
N SER A 336 15.89 5.90 -12.30
CA SER A 336 17.27 5.92 -11.82
C SER A 336 18.07 7.05 -12.46
N TYR A 337 17.87 7.30 -13.76
CA TYR A 337 18.64 8.32 -14.47
C TYR A 337 18.50 9.69 -13.81
N PHE A 338 17.37 9.97 -13.18
CA PHE A 338 17.15 11.33 -12.69
C PHE A 338 17.75 11.57 -11.32
N LEU A 339 18.07 10.51 -10.58
CA LEU A 339 18.61 10.68 -9.24
C LEU A 339 20.03 11.25 -9.27
N VAL A 340 20.77 11.01 -10.35
CA VAL A 340 22.15 11.50 -10.43
C VAL A 340 22.24 12.97 -10.76
N TYR A 341 21.12 13.64 -10.96
CA TYR A 341 21.11 15.05 -11.35
C TYR A 341 20.64 15.97 -10.22
N GLY A 342 20.83 15.56 -8.98
CA GLY A 342 20.57 16.48 -7.88
C GLY A 342 20.02 15.91 -6.59
N VAL A 343 19.90 14.59 -6.47
CA VAL A 343 19.47 13.95 -5.24
C VAL A 343 20.71 13.56 -4.46
N PRO A 344 20.96 14.16 -3.29
CA PRO A 344 22.19 13.84 -2.54
C PRO A 344 22.27 12.36 -2.20
N GLY A 345 23.48 11.81 -2.28
CA GLY A 345 23.73 10.41 -2.06
C GLY A 345 23.84 9.58 -3.32
N PHE A 346 23.46 10.11 -4.47
CA PHE A 346 23.38 9.36 -5.72
C PHE A 346 24.47 9.81 -6.68
N SER A 347 25.20 8.85 -7.23
CA SER A 347 26.25 9.12 -8.20
C SER A 347 26.31 7.96 -9.19
N LYS A 348 26.86 8.25 -10.37
CA LYS A 348 27.16 7.18 -11.30
C LYS A 348 28.43 6.43 -10.93
N ASP A 349 29.25 7.00 -10.04
CA ASP A 349 30.56 6.45 -9.71
C ASP A 349 30.59 5.65 -8.41
N ASN A 350 29.47 5.53 -7.69
CA ASN A 350 29.41 4.54 -6.62
C ASN A 350 28.07 3.81 -6.71
N GLU A 351 27.85 2.92 -5.74
CA GLU A 351 26.63 2.13 -5.68
C GLU A 351 25.44 2.92 -5.16
N SER A 352 25.65 4.14 -4.65
CA SER A 352 24.58 5.04 -4.24
C SER A 352 23.71 4.43 -3.15
N LEU A 353 24.34 3.71 -2.22
CA LEU A 353 23.64 3.17 -1.06
C LEU A 353 23.35 4.30 -0.08
N ILE A 354 22.09 4.64 0.08
CA ILE A 354 21.70 5.85 0.81
C ILE A 354 21.10 5.49 2.16
N SER A 355 20.85 6.51 2.96
CA SER A 355 20.27 6.37 4.29
C SER A 355 18.78 6.70 4.26
N ARG A 356 18.10 6.32 5.34
CA ARG A 356 16.69 6.70 5.49
C ARG A 356 16.52 8.21 5.41
N ALA A 357 17.44 8.96 6.02
CA ALA A 357 17.37 10.42 5.96
C ALA A 357 17.50 10.91 4.53
N GLN A 358 18.48 10.36 3.78
CA GLN A 358 18.64 10.75 2.38
C GLN A 358 17.43 10.36 1.55
N PHE A 359 16.81 9.22 1.87
CA PHE A 359 15.60 8.80 1.17
C PHE A 359 14.46 9.79 1.40
N LEU A 360 14.27 10.21 2.66
CA LEU A 360 13.20 11.15 2.97
C LEU A 360 13.44 12.50 2.31
N ALA A 361 14.70 12.95 2.27
CA ALA A 361 15.02 14.18 1.57
C ALA A 361 14.80 14.02 0.06
N GLY A 362 15.14 12.85 -0.48
CA GLY A 362 14.93 12.61 -1.89
C GLY A 362 13.46 12.60 -2.28
N VAL A 363 12.59 12.10 -1.40
CA VAL A 363 11.18 12.07 -1.71
C VAL A 363 10.61 13.48 -1.82
N ARG A 364 11.07 14.39 -0.96
CA ARG A 364 10.65 15.79 -1.08
C ARG A 364 11.09 16.39 -2.42
N ILE A 365 12.24 15.95 -2.93
CA ILE A 365 12.70 16.42 -4.23
C ILE A 365 11.98 15.69 -5.36
N GLY A 366 11.69 14.41 -5.16
CA GLY A 366 11.08 13.61 -6.22
C GLY A 366 9.61 13.86 -6.43
N VAL A 367 8.89 14.25 -5.38
CA VAL A 367 7.50 14.69 -5.53
C VAL A 367 7.41 16.08 -4.89
N PRO A 368 7.89 17.11 -5.59
CA PRO A 368 8.06 18.43 -4.97
C PRO A 368 6.75 19.16 -4.71
N GLN A 369 5.64 18.70 -5.27
CA GLN A 369 4.34 19.31 -5.03
C GLN A 369 3.67 18.78 -3.77
N ALA A 370 4.27 17.81 -3.09
CA ALA A 370 3.62 17.10 -2.01
C ALA A 370 3.64 17.92 -0.72
N SER A 371 2.50 17.95 -0.04
CA SER A 371 2.46 18.41 1.34
C SER A 371 3.28 17.47 2.21
N ASP A 372 3.48 17.88 3.47
CA ASP A 372 4.21 17.03 4.39
C ASP A 372 3.50 15.70 4.60
N LEU A 373 2.17 15.73 4.70
CA LEU A 373 1.41 14.49 4.85
C LEU A 373 1.50 13.64 3.60
N ALA A 374 1.36 14.26 2.42
CA ALA A 374 1.45 13.51 1.17
C ALA A 374 2.83 12.89 1.00
N ALA A 375 3.88 13.64 1.33
CA ALA A 375 5.23 13.10 1.23
C ALA A 375 5.43 11.94 2.19
N GLU A 376 4.87 12.05 3.39
CA GLU A 376 4.86 10.90 4.30
C GLU A 376 4.25 9.69 3.59
N ALA A 377 2.98 9.82 3.17
CA ALA A 377 2.28 8.71 2.52
C ALA A 377 3.14 8.00 1.48
N VAL A 378 3.90 8.76 0.69
CA VAL A 378 4.82 8.15 -0.26
C VAL A 378 5.88 7.34 0.48
N VAL A 379 6.44 7.92 1.54
CA VAL A 379 7.52 7.25 2.27
C VAL A 379 7.02 5.98 2.93
N LEU A 380 5.84 6.02 3.56
CA LEU A 380 5.32 4.82 4.20
C LEU A 380 5.02 3.73 3.18
N HIS A 381 4.54 4.10 1.99
CA HIS A 381 4.22 3.09 0.99
C HIS A 381 5.48 2.41 0.46
N TYR A 382 6.52 3.18 0.19
CA TYR A 382 7.71 2.65 -0.46
C TYR A 382 8.73 2.08 0.52
N THR A 383 8.56 2.32 1.82
CA THR A 383 9.45 1.73 2.81
C THR A 383 9.21 0.22 2.92
N ASP A 384 10.31 -0.53 3.00
CA ASP A 384 10.26 -1.95 3.33
C ASP A 384 10.35 -2.06 4.85
N TRP A 385 9.22 -2.31 5.50
CA TRP A 385 9.15 -2.22 6.96
C TRP A 385 9.79 -3.41 7.66
N LEU A 386 10.24 -4.41 6.92
CA LEU A 386 11.12 -5.41 7.51
C LEU A 386 12.58 -5.00 7.49
N HIS A 387 12.94 -4.08 6.59
CA HIS A 387 14.29 -3.52 6.52
C HIS A 387 14.21 -2.03 6.22
N PRO A 388 13.62 -1.24 7.12
CA PRO A 388 13.34 0.17 6.79
C PRO A 388 14.57 1.04 6.64
N GLU A 389 15.76 0.56 7.00
CA GLU A 389 16.98 1.36 6.90
C GLU A 389 18.00 0.75 5.95
N ASP A 390 17.65 -0.32 5.26
CA ASP A 390 18.59 -1.01 4.37
C ASP A 390 18.95 -0.10 3.20
N PRO A 391 20.23 0.20 2.98
CA PRO A 391 20.59 1.20 1.97
C PRO A 391 20.27 0.78 0.55
N THR A 392 20.42 -0.50 0.21
CA THR A 392 20.13 -0.94 -1.15
C THR A 392 18.65 -0.77 -1.47
N HIS A 393 17.77 -1.15 -0.54
CA HIS A 393 16.34 -0.97 -0.79
C HIS A 393 15.97 0.51 -0.86
N LEU A 394 16.55 1.32 0.02
CA LEU A 394 16.25 2.75 -0.01
C LEU A 394 16.69 3.38 -1.33
N ARG A 395 17.87 3.00 -1.82
CA ARG A 395 18.31 3.45 -3.13
C ARG A 395 17.32 3.02 -4.21
N ASP A 396 16.96 1.74 -4.22
CA ASP A 396 16.03 1.25 -5.23
C ASP A 396 14.63 1.84 -5.06
N ALA A 397 14.22 2.10 -3.82
CA ALA A 397 12.91 2.71 -3.59
C ALA A 397 12.88 4.14 -4.11
N MET A 398 13.96 4.90 -3.89
CA MET A 398 14.04 6.26 -4.41
C MET A 398 13.90 6.28 -5.92
N SER A 399 14.56 5.33 -6.60
CA SER A 399 14.41 5.22 -8.05
C SER A 399 12.98 4.90 -8.43
N ALA A 400 12.37 3.94 -7.73
CA ALA A 400 11.00 3.54 -8.05
C ALA A 400 10.02 4.68 -7.82
N VAL A 401 10.25 5.49 -6.80
CA VAL A 401 9.35 6.63 -6.53
C VAL A 401 9.32 7.56 -7.73
N VAL A 402 10.50 7.91 -8.25
CA VAL A 402 10.59 8.83 -9.38
C VAL A 402 10.00 8.19 -10.64
N GLY A 403 10.36 6.94 -10.90
CA GLY A 403 9.88 6.28 -12.10
C GLY A 403 8.39 6.04 -12.10
N ASP A 404 7.83 5.59 -10.97
CA ASP A 404 6.40 5.35 -10.89
C ASP A 404 5.61 6.65 -11.01
N HIS A 405 6.04 7.68 -10.30
CA HIS A 405 5.29 8.93 -10.25
C HIS A 405 5.27 9.63 -11.61
N ASN A 406 6.38 9.58 -12.34
CA ASN A 406 6.53 10.38 -13.55
C ASN A 406 6.24 9.62 -14.83
N VAL A 407 6.42 8.29 -14.85
CA VAL A 407 6.23 7.53 -16.08
C VAL A 407 5.25 6.40 -15.86
N VAL A 408 5.66 5.38 -15.08
CA VAL A 408 4.95 4.10 -15.06
C VAL A 408 3.47 4.28 -14.75
N CYS A 409 3.15 5.11 -13.76
CA CYS A 409 1.74 5.26 -13.40
C CYS A 409 1.02 6.21 -14.34
N PRO A 410 1.66 7.28 -14.83
CA PRO A 410 1.05 8.02 -15.95
C PRO A 410 0.66 7.16 -17.15
N VAL A 411 1.53 6.26 -17.63
CA VAL A 411 1.14 5.47 -18.80
C VAL A 411 0.15 4.38 -18.40
N ALA A 412 0.30 3.80 -17.21
CA ALA A 412 -0.69 2.84 -16.75
C ALA A 412 -2.07 3.48 -16.68
N GLN A 413 -2.13 4.75 -16.27
CA GLN A 413 -3.39 5.47 -16.26
C GLN A 413 -3.89 5.74 -17.68
N LEU A 414 -3.00 6.13 -18.60
CA LEU A 414 -3.47 6.52 -19.92
C LEU A 414 -3.85 5.30 -20.76
N ALA A 415 -3.14 4.19 -20.58
CA ALA A 415 -3.55 2.95 -21.23
C ALA A 415 -4.96 2.56 -20.81
N GLY A 416 -5.27 2.69 -19.52
CA GLY A 416 -6.60 2.32 -19.04
C GLY A 416 -7.68 3.26 -19.53
N ARG A 417 -7.41 4.57 -19.53
CA ARG A 417 -8.39 5.52 -20.03
C ARG A 417 -8.65 5.28 -21.52
N LEU A 418 -7.60 5.33 -22.34
CA LEU A 418 -7.76 5.13 -23.78
C LEU A 418 -8.47 3.82 -24.08
N ALA A 419 -8.11 2.75 -23.38
CA ALA A 419 -8.77 1.46 -23.61
C ALA A 419 -10.25 1.53 -23.24
N ALA A 420 -10.59 2.27 -22.19
CA ALA A 420 -11.99 2.42 -21.80
C ALA A 420 -12.76 3.29 -22.79
N GLN A 421 -12.07 4.20 -23.50
CA GLN A 421 -12.72 5.03 -24.51
C GLN A 421 -12.67 4.43 -25.90
N GLY A 422 -12.37 3.14 -26.02
CA GLY A 422 -12.48 2.45 -27.29
C GLY A 422 -11.21 2.34 -28.11
N ALA A 423 -10.06 2.78 -27.59
CA ALA A 423 -8.83 2.66 -28.33
C ALA A 423 -8.28 1.24 -28.24
N ARG A 424 -7.54 0.84 -29.27
CA ARG A 424 -6.78 -0.40 -29.24
C ARG A 424 -5.40 -0.08 -28.66
N VAL A 425 -5.09 -0.67 -27.51
CA VAL A 425 -3.88 -0.36 -26.76
C VAL A 425 -3.04 -1.62 -26.65
N TYR A 426 -1.73 -1.47 -26.83
CA TYR A 426 -0.75 -2.53 -26.57
C TYR A 426 0.29 -1.98 -25.61
N ALA A 427 0.56 -2.71 -24.54
CA ALA A 427 1.46 -2.25 -23.50
C ALA A 427 2.65 -3.20 -23.37
N TYR A 428 3.81 -2.62 -23.05
CA TYR A 428 5.05 -3.37 -22.89
C TYR A 428 5.83 -2.82 -21.71
N ILE A 429 6.71 -3.65 -21.17
CA ILE A 429 7.80 -3.19 -20.32
C ILE A 429 9.10 -3.69 -20.93
N PHE A 430 10.05 -2.77 -21.12
CA PHE A 430 11.32 -3.07 -21.75
C PHE A 430 12.35 -3.33 -20.66
N GLU A 431 12.84 -4.57 -20.59
CA GLU A 431 13.63 -5.02 -19.44
C GLU A 431 15.07 -5.38 -19.78
N HIS A 432 15.55 -5.10 -20.98
CA HIS A 432 16.88 -5.51 -21.39
C HIS A 432 17.86 -4.35 -21.23
N ARG A 433 18.95 -4.59 -20.52
CA ARG A 433 20.03 -3.63 -20.37
C ARG A 433 21.06 -3.89 -21.47
N ALA A 434 21.38 -2.84 -22.23
CA ALA A 434 22.32 -2.99 -23.33
C ALA A 434 23.69 -3.40 -22.82
N SER A 435 24.31 -4.38 -23.48
CA SER A 435 25.65 -4.80 -23.13
C SER A 435 26.66 -3.66 -23.29
N THR A 436 26.30 -2.62 -24.05
CA THR A 436 27.15 -1.46 -24.29
C THR A 436 26.91 -0.33 -23.29
N LEU A 437 26.00 -0.52 -22.33
CA LEU A 437 25.62 0.57 -21.44
C LEU A 437 26.80 0.99 -20.57
N THR A 438 27.01 2.31 -20.46
CA THR A 438 28.10 2.85 -19.67
C THR A 438 27.69 3.29 -18.27
N TRP A 439 26.40 3.48 -18.02
CA TRP A 439 25.93 3.82 -16.70
C TRP A 439 26.12 2.61 -15.77
N PRO A 440 26.20 2.84 -14.45
CA PRO A 440 26.46 1.74 -13.53
C PRO A 440 25.31 0.74 -13.51
N LEU A 441 25.59 -0.41 -12.88
CA LEU A 441 24.61 -1.49 -12.84
C LEU A 441 23.38 -1.13 -12.03
N TRP A 442 23.55 -0.35 -10.94
CA TRP A 442 22.43 -0.08 -10.06
C TRP A 442 21.33 0.72 -10.75
N MET A 443 21.63 1.44 -11.81
CA MET A 443 20.60 2.15 -12.57
C MET A 443 19.74 1.21 -13.40
N GLY A 444 20.16 -0.03 -13.60
CA GLY A 444 19.32 -0.99 -14.30
C GLY A 444 19.16 -0.64 -15.77
N VAL A 445 17.91 -0.60 -16.22
CA VAL A 445 17.57 -0.19 -17.58
C VAL A 445 17.05 1.24 -17.51
N PRO A 446 17.89 2.24 -17.72
CA PRO A 446 17.47 3.63 -17.47
C PRO A 446 16.61 4.19 -18.59
N HIS A 447 15.93 5.29 -18.23
CA HIS A 447 15.15 6.12 -19.15
C HIS A 447 15.89 6.36 -20.46
N GLY A 448 15.29 5.94 -21.57
CA GLY A 448 15.78 6.24 -22.89
C GLY A 448 16.64 5.18 -23.55
N TYR A 449 16.96 4.09 -22.85
CA TYR A 449 17.90 3.11 -23.38
C TYR A 449 17.21 1.91 -24.00
N GLU A 450 15.96 2.06 -24.41
CA GLU A 450 15.34 1.15 -25.38
C GLU A 450 15.37 1.71 -26.79
N ILE A 451 15.65 3.01 -26.94
CA ILE A 451 15.56 3.66 -28.25
C ILE A 451 16.53 3.03 -29.24
N GLU A 452 17.78 2.85 -28.82
CA GLU A 452 18.79 2.28 -29.72
C GLU A 452 18.39 0.90 -30.24
N PHE A 453 17.54 0.18 -29.51
CA PHE A 453 17.06 -1.11 -29.99
C PHE A 453 15.86 -0.96 -30.93
N ILE A 454 15.04 0.07 -30.72
CA ILE A 454 13.90 0.31 -31.61
C ILE A 454 14.40 0.69 -33.00
N PHE A 455 15.41 1.54 -33.08
CA PHE A 455 15.96 1.98 -34.36
C PHE A 455 16.91 0.96 -34.98
N GLY A 456 17.29 -0.08 -34.24
CA GLY A 456 18.09 -1.15 -34.81
C GLY A 456 19.57 -0.90 -34.88
N LEU A 457 20.11 -0.02 -34.03
CA LEU A 457 21.55 0.22 -33.97
C LEU A 457 22.37 -1.05 -33.75
N PRO A 458 21.88 -2.06 -32.96
CA PRO A 458 22.65 -3.30 -32.84
C PRO A 458 23.00 -3.97 -34.15
N LEU A 459 22.27 -3.65 -35.23
CA LEU A 459 22.61 -4.19 -36.54
C LEU A 459 23.89 -3.59 -37.11
N ASP A 460 24.35 -2.46 -36.58
CA ASP A 460 25.62 -1.88 -37.02
C ASP A 460 26.76 -2.71 -36.44
N PRO A 461 27.50 -3.46 -37.26
CA PRO A 461 28.51 -4.39 -36.70
C PRO A 461 29.63 -3.67 -35.98
N SER A 462 29.91 -2.42 -36.32
CA SER A 462 30.94 -1.64 -35.65
C SER A 462 30.55 -1.20 -34.25
N LEU A 463 29.41 -1.60 -33.69
CA LEU A 463 28.94 -1.07 -32.42
C LEU A 463 29.06 -2.03 -31.25
N ASN A 464 29.62 -3.23 -31.47
CA ASN A 464 29.94 -4.24 -30.44
C ASN A 464 28.74 -4.75 -29.65
N TYR A 465 27.53 -4.65 -30.18
CA TYR A 465 26.43 -5.38 -29.58
C TYR A 465 26.61 -6.88 -29.79
N THR A 466 25.97 -7.67 -28.92
CA THR A 466 26.01 -9.11 -29.05
C THR A 466 25.08 -9.59 -30.16
N THR A 467 25.24 -10.85 -30.54
CA THR A 467 24.42 -11.42 -31.61
C THR A 467 22.95 -11.48 -31.23
N GLU A 468 22.66 -11.88 -30.00
CA GLU A 468 21.27 -11.94 -29.54
C GLU A 468 20.65 -10.56 -29.47
N GLU A 469 21.45 -9.53 -29.16
CA GLU A 469 20.96 -8.16 -29.22
C GLU A 469 20.65 -7.76 -30.66
N ARG A 470 21.37 -8.33 -31.63
CA ARG A 470 21.05 -8.13 -33.03
C ARG A 470 19.69 -8.75 -33.36
N ILE A 471 19.48 -10.00 -32.95
CA ILE A 471 18.20 -10.66 -33.15
C ILE A 471 17.10 -9.94 -32.38
N PHE A 472 17.42 -9.49 -31.16
CA PHE A 472 16.45 -8.77 -30.34
C PHE A 472 15.97 -7.50 -31.03
N ALA A 473 16.92 -6.69 -31.51
CA ALA A 473 16.56 -5.42 -32.15
C ALA A 473 15.70 -5.65 -33.39
N GLN A 474 15.96 -6.73 -34.13
CA GLN A 474 15.15 -7.03 -35.30
C GLN A 474 13.72 -7.39 -34.91
N ARG A 475 13.55 -8.06 -33.76
CA ARG A 475 12.20 -8.37 -33.28
C ARG A 475 11.43 -7.10 -32.97
N LEU A 476 12.07 -6.17 -32.25
CA LEU A 476 11.40 -4.91 -31.91
C LEU A 476 11.08 -4.10 -33.15
N MET A 477 11.99 -4.08 -34.13
CA MET A 477 11.72 -3.36 -35.38
C MET A 477 10.50 -3.93 -36.08
N LYS A 478 10.33 -5.25 -36.05
CA LYS A 478 9.15 -5.84 -36.65
C LYS A 478 7.89 -5.53 -35.83
N TYR A 479 8.01 -5.52 -34.50
CA TYR A 479 6.88 -5.12 -33.66
C TYR A 479 6.43 -3.71 -34.00
N TRP A 480 7.36 -2.77 -34.03
CA TRP A 480 7.02 -1.37 -34.26
C TRP A 480 6.47 -1.15 -35.66
N THR A 481 7.07 -1.77 -36.67
CA THR A 481 6.62 -1.54 -38.04
C THR A 481 5.36 -2.32 -38.38
N ASN A 482 5.15 -3.49 -37.77
CA ASN A 482 3.86 -4.16 -37.92
C ASN A 482 2.74 -3.31 -37.34
N PHE A 483 3.00 -2.67 -36.21
CA PHE A 483 2.01 -1.78 -35.61
C PHE A 483 1.71 -0.60 -36.54
N ALA A 484 2.76 -0.02 -37.15
CA ALA A 484 2.53 1.06 -38.09
C ALA A 484 1.77 0.58 -39.31
N ARG A 485 2.10 -0.62 -39.81
CA ARG A 485 1.44 -1.14 -40.99
C ARG A 485 -0.01 -1.51 -40.71
N THR A 486 -0.28 -2.13 -39.56
CA THR A 486 -1.56 -2.78 -39.32
C THR A 486 -2.29 -2.33 -38.06
N GLY A 487 -1.68 -1.50 -37.22
CA GLY A 487 -2.29 -1.23 -35.93
C GLY A 487 -2.19 -2.39 -34.96
N ASP A 488 -1.28 -3.32 -35.21
CA ASP A 488 -1.16 -4.57 -34.49
C ASP A 488 0.30 -5.01 -34.55
N PRO A 489 1.03 -4.99 -33.43
CA PRO A 489 2.45 -5.33 -33.49
C PRO A 489 2.73 -6.77 -33.87
N ASN A 490 1.73 -7.65 -33.77
CA ASN A 490 1.94 -9.06 -34.05
C ASN A 490 2.17 -9.29 -35.54
N ASP A 491 2.91 -10.33 -35.84
CA ASP A 491 3.18 -10.65 -37.24
C ASP A 491 2.07 -11.56 -37.77
N PRO A 492 1.45 -11.20 -38.89
CA PRO A 492 0.40 -12.07 -39.46
C PRO A 492 0.92 -13.44 -39.87
N ARG A 493 2.18 -13.54 -40.30
CA ARG A 493 2.70 -14.82 -40.76
C ARG A 493 2.86 -15.81 -39.61
N ASP A 494 3.09 -15.31 -38.40
CA ASP A 494 3.50 -16.18 -37.31
C ASP A 494 2.29 -16.78 -36.59
N SER A 495 2.62 -17.60 -35.59
CA SER A 495 1.70 -18.59 -35.03
C SER A 495 2.39 -19.21 -33.82
N LYS A 496 3.58 -19.75 -34.07
CA LYS A 496 4.39 -20.35 -33.02
C LYS A 496 4.86 -19.29 -32.02
N SER A 497 5.34 -18.15 -32.53
CA SER A 497 5.78 -17.09 -31.64
C SER A 497 4.61 -16.62 -30.77
N PRO A 498 4.85 -16.35 -29.50
CA PRO A 498 3.75 -15.96 -28.61
C PRO A 498 3.10 -14.65 -29.07
N GLN A 499 1.82 -14.52 -28.77
CA GLN A 499 1.04 -13.38 -29.23
C GLN A 499 1.08 -12.24 -28.22
N TRP A 500 0.98 -11.02 -28.73
CA TRP A 500 0.92 -9.80 -27.93
C TRP A 500 -0.54 -9.39 -27.82
N PRO A 501 -1.19 -9.64 -26.69
CA PRO A 501 -2.61 -9.29 -26.57
C PRO A 501 -2.79 -7.81 -26.27
N PRO A 502 -3.93 -7.24 -26.61
CA PRO A 502 -4.17 -5.83 -26.29
C PRO A 502 -4.36 -5.62 -24.80
N TYR A 503 -3.91 -4.46 -24.33
CA TYR A 503 -4.18 -4.07 -22.95
C TYR A 503 -5.66 -3.72 -22.81
N THR A 504 -6.30 -4.26 -21.77
CA THR A 504 -7.70 -4.01 -21.49
C THR A 504 -7.87 -3.71 -20.01
N THR A 505 -8.93 -2.97 -19.68
CA THR A 505 -9.23 -2.71 -18.28
C THR A 505 -9.52 -4.00 -17.53
N ALA A 506 -10.19 -4.95 -18.20
CA ALA A 506 -10.61 -6.17 -17.53
C ALA A 506 -9.44 -7.08 -17.19
N ALA A 507 -8.38 -7.09 -18.01
CA ALA A 507 -7.28 -8.02 -17.82
C ALA A 507 -5.91 -7.36 -17.68
N GLN A 508 -5.76 -6.10 -18.09
CA GLN A 508 -4.54 -5.33 -17.86
C GLN A 508 -3.28 -6.09 -18.29
N GLN A 509 -3.32 -6.65 -19.50
CA GLN A 509 -2.21 -7.44 -19.99
C GLN A 509 -1.20 -6.57 -20.71
N TYR A 510 0.08 -6.87 -20.49
CA TYR A 510 1.20 -6.28 -21.20
C TYR A 510 2.24 -7.36 -21.40
N VAL A 511 3.29 -7.04 -22.14
CA VAL A 511 4.34 -8.02 -22.42
C VAL A 511 5.67 -7.48 -21.92
N SER A 512 6.56 -8.41 -21.59
CA SER A 512 7.96 -8.08 -21.34
C SER A 512 8.72 -8.12 -22.65
N LEU A 513 9.56 -7.10 -22.86
CA LEU A 513 10.44 -7.04 -24.02
C LEU A 513 11.86 -7.26 -23.51
N ASN A 514 12.37 -8.47 -23.72
CA ASN A 514 13.76 -8.78 -23.37
C ASN A 514 14.26 -9.84 -24.36
N LEU A 515 15.38 -10.48 -24.03
CA LEU A 515 15.99 -11.47 -24.92
C LEU A 515 15.20 -12.77 -24.99
N LYS A 516 14.27 -13.00 -24.08
CA LYS A 516 13.45 -14.19 -24.11
C LYS A 516 12.18 -13.95 -24.92
N PRO A 517 11.47 -15.00 -25.32
CA PRO A 517 10.22 -14.80 -26.05
C PRO A 517 9.21 -14.00 -25.24
N LEU A 518 8.27 -13.39 -25.95
CA LEU A 518 7.23 -12.56 -25.34
C LEU A 518 6.56 -13.28 -24.18
N GLU A 519 6.59 -12.65 -23.01
CA GLU A 519 5.89 -13.13 -21.83
C GLU A 519 4.78 -12.16 -21.48
N VAL A 520 3.58 -12.68 -21.25
CA VAL A 520 2.41 -11.86 -20.98
C VAL A 520 2.23 -11.75 -19.47
N ARG A 521 2.08 -10.51 -18.99
CA ARG A 521 1.88 -10.25 -17.57
C ARG A 521 0.61 -9.42 -17.39
N ARG A 522 0.07 -9.46 -16.18
CA ARG A 522 -1.16 -8.78 -15.84
C ARG A 522 -0.89 -7.74 -14.76
N GLY A 523 -1.49 -6.56 -14.93
CA GLY A 523 -1.33 -5.48 -13.98
C GLY A 523 -0.03 -4.72 -14.15
N LEU A 524 -0.15 -3.44 -14.48
CA LEU A 524 1.01 -2.56 -14.65
C LEU A 524 1.22 -1.82 -13.35
N ARG A 525 1.94 -2.47 -12.43
CA ARG A 525 2.16 -1.96 -11.07
C ARG A 525 0.83 -1.47 -10.48
N ALA A 526 -0.13 -2.41 -10.43
CA ALA A 526 -1.52 -2.03 -10.19
C ALA A 526 -1.73 -1.47 -8.79
N GLN A 527 -1.25 -2.17 -7.77
CA GLN A 527 -1.41 -1.68 -6.40
C GLN A 527 -0.80 -0.30 -6.23
N THR A 528 0.47 -0.17 -6.59
CA THR A 528 1.20 1.08 -6.35
C THR A 528 0.66 2.24 -7.17
N CYS A 529 0.17 1.97 -8.39
CA CYS A 529 -0.39 3.05 -9.20
C CYS A 529 -1.76 3.50 -8.72
N ALA A 530 -2.50 2.65 -8.01
CA ALA A 530 -3.72 3.11 -7.35
C ALA A 530 -3.40 4.20 -6.33
N PHE A 531 -2.27 4.06 -5.64
CA PHE A 531 -1.83 5.10 -4.71
C PHE A 531 -1.57 6.41 -5.44
N TRP A 532 -0.81 6.36 -6.53
CA TRP A 532 -0.45 7.58 -7.25
C TRP A 532 -1.64 8.18 -7.99
N ASN A 533 -2.45 7.33 -8.62
CA ASN A 533 -3.49 7.81 -9.53
C ASN A 533 -4.83 8.04 -8.86
N ARG A 534 -5.12 7.33 -7.78
CA ARG A 534 -6.42 7.44 -7.12
C ARG A 534 -6.35 8.11 -5.76
N PHE A 535 -5.46 7.66 -4.87
CA PHE A 535 -5.46 8.19 -3.51
C PHE A 535 -4.76 9.54 -3.42
N LEU A 536 -3.53 9.63 -3.92
CA LEU A 536 -2.74 10.85 -3.72
C LEU A 536 -3.41 12.11 -4.25
N PRO A 537 -4.08 12.12 -5.42
CA PRO A 537 -4.80 13.35 -5.82
C PRO A 537 -5.84 13.80 -4.80
N LYS A 538 -6.52 12.85 -4.15
CA LYS A 538 -7.49 13.22 -3.14
C LYS A 538 -6.82 13.69 -1.85
N LEU A 539 -5.65 13.14 -1.53
CA LEU A 539 -4.91 13.60 -0.36
C LEU A 539 -4.41 15.03 -0.56
N LEU A 540 -4.01 15.36 -1.77
CA LEU A 540 -3.46 16.70 -2.02
C LEU A 540 -4.52 17.78 -1.94
N SER A 541 -5.76 17.45 -2.27
CA SER A 541 -6.84 18.42 -2.10
C SER A 541 -7.05 18.74 -0.63
N ALA A 542 -6.97 17.73 0.24
CA ALA A 542 -7.27 17.93 1.66
C ALA A 542 -6.18 18.72 2.35
N THR A 543 -4.91 18.44 2.05
CA THR A 543 -3.80 19.16 2.67
C THR A 543 -3.42 20.39 1.87
N GLU B 4 -14.88 -36.66 52.61
CA GLU B 4 -13.95 -37.45 53.40
C GLU B 4 -12.58 -37.55 52.70
N ASP B 5 -12.56 -37.36 51.39
CA ASP B 5 -11.32 -37.38 50.62
C ASP B 5 -10.43 -36.23 51.07
N PRO B 6 -9.28 -36.52 51.68
CA PRO B 6 -8.46 -35.44 52.25
C PRO B 6 -7.85 -34.52 51.21
N GLN B 7 -7.60 -35.00 49.99
CA GLN B 7 -7.07 -34.14 48.94
C GLN B 7 -8.14 -33.26 48.31
N LEU B 8 -9.40 -33.46 48.66
CA LEU B 8 -10.49 -32.59 48.24
C LEU B 8 -10.87 -31.59 49.32
N LEU B 9 -10.13 -31.54 50.42
CA LEU B 9 -10.34 -30.58 51.50
C LEU B 9 -9.12 -29.68 51.59
N VAL B 10 -9.34 -28.38 51.42
CA VAL B 10 -8.29 -27.38 51.50
C VAL B 10 -8.78 -26.24 52.39
N ARG B 11 -7.89 -25.68 53.20
CA ARG B 11 -8.21 -24.54 54.05
C ARG B 11 -7.52 -23.31 53.46
N VAL B 12 -8.33 -22.36 52.99
CA VAL B 12 -7.83 -21.06 52.60
C VAL B 12 -8.22 -20.06 53.69
N ARG B 13 -7.65 -18.85 53.62
CA ARG B 13 -7.77 -17.90 54.72
C ARG B 13 -9.21 -17.52 55.05
N GLY B 14 -10.17 -17.90 54.22
CA GLY B 14 -11.57 -17.60 54.50
C GLY B 14 -12.31 -18.76 55.14
N GLY B 15 -11.68 -19.92 55.22
CA GLY B 15 -12.28 -21.10 55.80
C GLY B 15 -12.00 -22.32 54.95
N GLN B 16 -12.73 -23.40 55.25
CA GLN B 16 -12.53 -24.67 54.58
C GLN B 16 -13.35 -24.75 53.29
N LEU B 17 -12.78 -25.42 52.29
CA LEU B 17 -13.45 -25.72 51.04
C LEU B 17 -13.41 -27.22 50.80
N ARG B 18 -14.40 -27.72 50.09
CA ARG B 18 -14.38 -29.10 49.59
C ARG B 18 -14.51 -29.07 48.07
N GLY B 19 -13.51 -29.62 47.39
CA GLY B 19 -13.54 -29.76 45.94
C GLY B 19 -14.17 -31.06 45.52
N ILE B 20 -13.92 -31.42 44.26
CA ILE B 20 -14.52 -32.59 43.66
C ILE B 20 -13.49 -33.23 42.73
N ARG B 21 -13.37 -34.55 42.80
CA ARG B 21 -12.49 -35.28 41.89
C ARG B 21 -13.17 -35.41 40.54
N LEU B 22 -12.47 -34.96 39.50
CA LEU B 22 -12.98 -35.00 38.14
C LEU B 22 -12.20 -36.01 37.31
N LYS B 23 -12.88 -36.58 36.31
CA LYS B 23 -12.26 -37.52 35.39
C LYS B 23 -11.74 -36.76 34.17
N ALA B 24 -10.43 -36.84 33.95
CA ALA B 24 -9.77 -36.46 32.72
C ALA B 24 -9.32 -37.73 32.01
N PRO B 25 -9.04 -37.67 30.69
CA PRO B 25 -8.74 -38.91 29.98
C PRO B 25 -7.57 -39.69 30.56
N GLY B 26 -6.52 -39.00 31.02
CA GLY B 26 -5.36 -39.67 31.55
C GLY B 26 -5.37 -39.94 33.04
N GLY B 27 -6.31 -39.37 33.78
CA GLY B 27 -6.37 -39.56 35.20
C GLY B 27 -7.24 -38.53 35.89
N PRO B 28 -7.36 -38.62 37.21
CA PRO B 28 -8.22 -37.69 37.95
C PRO B 28 -7.55 -36.34 38.19
N VAL B 29 -8.39 -35.35 38.48
CA VAL B 29 -7.93 -34.02 38.85
C VAL B 29 -8.79 -33.49 40.00
N SER B 30 -8.17 -32.71 40.87
CA SER B 30 -8.90 -32.01 41.91
C SER B 30 -9.42 -30.69 41.36
N ALA B 31 -10.72 -30.47 41.49
CA ALA B 31 -11.35 -29.23 41.01
C ALA B 31 -12.11 -28.59 42.16
N PHE B 32 -11.84 -27.32 42.41
CA PHE B 32 -12.53 -26.51 43.41
C PHE B 32 -13.21 -25.38 42.67
N LEU B 33 -14.51 -25.51 42.43
CA LEU B 33 -15.26 -24.59 41.60
C LEU B 33 -16.23 -23.77 42.46
N GLY B 34 -16.37 -22.50 42.11
CA GLY B 34 -17.31 -21.64 42.82
C GLY B 34 -16.78 -21.03 44.10
N ILE B 35 -15.47 -20.80 44.19
CA ILE B 35 -14.87 -20.22 45.39
C ILE B 35 -15.13 -18.71 45.40
N PRO B 36 -15.79 -18.18 46.42
CA PRO B 36 -16.02 -16.73 46.47
C PRO B 36 -14.72 -16.00 46.81
N PHE B 37 -14.37 -15.02 45.99
CA PHE B 37 -13.23 -14.16 46.28
C PHE B 37 -13.64 -12.73 46.61
N ALA B 38 -14.93 -12.43 46.61
CA ALA B 38 -15.38 -11.06 46.84
C ALA B 38 -16.78 -11.07 47.43
N GLU B 39 -17.10 -10.01 48.15
CA GLU B 39 -18.47 -9.78 48.57
C GLU B 39 -19.35 -9.62 47.34
N PRO B 40 -20.52 -10.24 47.31
CA PRO B 40 -21.41 -10.11 46.14
C PRO B 40 -21.70 -8.65 45.83
N PRO B 41 -21.35 -8.18 44.63
CA PRO B 41 -21.48 -6.76 44.28
C PRO B 41 -22.92 -6.37 43.95
N VAL B 42 -23.80 -6.53 44.93
CA VAL B 42 -25.23 -6.40 44.72
C VAL B 42 -25.75 -5.16 45.45
N GLY B 43 -26.96 -4.76 45.10
CA GLY B 43 -27.61 -3.63 45.77
C GLY B 43 -26.81 -2.36 45.60
N SER B 44 -26.38 -1.79 46.73
CA SER B 44 -25.61 -0.56 46.72
C SER B 44 -24.17 -0.76 46.23
N ARG B 45 -23.72 -2.00 46.10
N ARG B 45 -23.72 -2.00 46.10
CA ARG B 45 -22.39 -2.30 45.60
CA ARG B 45 -22.39 -2.28 45.59
C ARG B 45 -22.32 -2.35 44.08
C ARG B 45 -22.33 -2.38 44.08
N ARG B 46 -23.45 -2.15 43.40
CA ARG B 46 -23.44 -2.15 41.93
C ARG B 46 -22.58 -1.00 41.43
N PHE B 47 -21.74 -1.30 40.43
CA PHE B 47 -20.74 -0.40 39.87
C PHE B 47 -19.63 -0.02 40.85
N MET B 48 -19.54 -0.68 42.00
CA MET B 48 -18.53 -0.30 42.97
C MET B 48 -17.37 -1.27 42.94
N PRO B 49 -16.19 -0.84 43.39
CA PRO B 49 -15.05 -1.76 43.47
C PRO B 49 -15.38 -2.95 44.35
N PRO B 50 -14.77 -4.10 44.08
CA PRO B 50 -15.06 -5.29 44.89
C PRO B 50 -14.44 -5.18 46.28
N GLU B 51 -15.12 -5.78 47.24
CA GLU B 51 -14.56 -5.93 48.58
C GLU B 51 -14.21 -7.39 48.83
N PRO B 52 -13.12 -7.66 49.54
CA PRO B 52 -12.72 -9.06 49.77
C PRO B 52 -13.78 -9.82 50.55
N LYS B 53 -13.96 -11.09 50.17
CA LYS B 53 -15.01 -11.91 50.75
C LYS B 53 -14.74 -12.18 52.23
N ARG B 54 -15.81 -12.11 53.04
CA ARG B 54 -15.66 -12.32 54.46
C ARG B 54 -15.56 -13.81 54.78
N PRO B 55 -14.84 -14.16 55.85
CA PRO B 55 -14.74 -15.57 56.28
C PRO B 55 -16.08 -16.28 56.41
N TRP B 56 -16.06 -17.61 56.31
CA TRP B 56 -17.26 -18.43 56.39
C TRP B 56 -17.03 -19.60 57.33
N SER B 57 -18.12 -20.09 57.91
CA SER B 57 -18.09 -21.21 58.85
C SER B 57 -18.19 -22.53 58.10
N GLY B 58 -17.82 -23.60 58.80
CA GLY B 58 -17.91 -24.94 58.26
C GLY B 58 -17.09 -25.12 56.99
N VAL B 59 -17.46 -26.15 56.23
CA VAL B 59 -16.82 -26.47 54.96
C VAL B 59 -17.67 -25.87 53.85
N LEU B 60 -17.14 -24.85 53.18
CA LEU B 60 -17.83 -24.32 52.01
C LEU B 60 -17.72 -25.30 50.86
N ASP B 61 -18.82 -25.47 50.15
CA ASP B 61 -18.97 -26.52 49.15
C ASP B 61 -18.52 -25.99 47.80
N ALA B 62 -17.29 -26.37 47.39
CA ALA B 62 -16.71 -25.89 46.14
C ALA B 62 -16.73 -26.99 45.08
N THR B 63 -17.89 -27.59 44.86
CA THR B 63 -18.04 -28.74 43.98
C THR B 63 -18.58 -28.37 42.60
N THR B 64 -19.08 -27.14 42.42
CA THR B 64 -19.92 -26.82 41.29
C THR B 64 -19.60 -25.42 40.80
N PHE B 65 -19.95 -25.17 39.53
CA PHE B 65 -19.76 -23.84 38.96
C PHE B 65 -20.81 -22.88 39.50
N GLN B 66 -20.36 -21.69 39.88
CA GLN B 66 -21.27 -20.69 40.40
C GLN B 66 -21.92 -19.92 39.24
N ASN B 67 -22.80 -18.97 39.59
CA ASN B 67 -23.49 -18.18 38.59
C ASN B 67 -22.49 -17.42 37.72
N VAL B 68 -22.92 -17.11 36.51
CA VAL B 68 -22.12 -16.28 35.61
C VAL B 68 -22.66 -14.85 35.70
N CYS B 69 -21.75 -13.90 35.57
CA CYS B 69 -22.10 -12.50 35.77
C CYS B 69 -23.18 -12.07 34.79
N TYR B 70 -24.12 -11.25 35.28
CA TYR B 70 -25.26 -10.88 34.46
C TYR B 70 -24.78 -10.22 33.18
N GLN B 71 -25.25 -10.75 32.05
CA GLN B 71 -24.72 -10.33 30.76
C GLN B 71 -25.74 -10.62 29.68
N TYR B 72 -25.48 -10.04 28.51
CA TYR B 72 -26.30 -10.26 27.33
C TYR B 72 -26.21 -11.71 26.88
N VAL B 73 -27.33 -12.26 26.44
CA VAL B 73 -27.41 -13.61 25.92
C VAL B 73 -27.58 -13.51 24.41
N ASP B 74 -26.58 -13.97 23.67
CA ASP B 74 -26.55 -13.79 22.22
C ASP B 74 -27.68 -14.57 21.55
N THR B 75 -28.38 -13.91 20.62
CA THR B 75 -29.55 -14.49 19.96
C THR B 75 -29.40 -14.56 18.45
N LEU B 76 -28.19 -14.38 17.91
CA LEU B 76 -28.03 -14.26 16.46
C LEU B 76 -28.49 -15.53 15.75
N TYR B 77 -27.85 -16.66 16.02
CA TYR B 77 -28.27 -17.94 15.47
C TYR B 77 -28.76 -18.82 16.61
N PRO B 78 -30.04 -18.72 16.98
CA PRO B 78 -30.54 -19.35 18.22
C PRO B 78 -30.46 -20.87 18.14
N GLY B 79 -29.69 -21.46 19.05
CA GLY B 79 -29.50 -22.89 19.07
C GLY B 79 -28.39 -23.41 18.20
N PHE B 80 -27.69 -22.53 17.47
CA PHE B 80 -26.53 -22.94 16.72
C PHE B 80 -25.33 -23.04 17.65
N GLU B 81 -24.66 -24.19 17.62
CA GLU B 81 -23.56 -24.45 18.55
C GLU B 81 -22.46 -23.41 18.43
N GLY B 82 -22.24 -22.87 17.24
CA GLY B 82 -21.20 -21.86 17.06
C GLY B 82 -21.44 -20.61 17.89
N THR B 83 -22.70 -20.25 18.11
CA THR B 83 -23.02 -19.11 18.97
C THR B 83 -23.32 -19.53 20.41
N GLU B 84 -23.96 -20.68 20.61
CA GLU B 84 -24.37 -21.08 21.95
C GLU B 84 -23.17 -21.46 22.82
N MET B 85 -22.06 -21.88 22.21
CA MET B 85 -20.89 -22.29 22.99
C MET B 85 -20.32 -21.14 23.80
N TRP B 86 -20.65 -19.89 23.46
CA TRP B 86 -20.21 -18.73 24.20
C TRP B 86 -21.27 -18.18 25.15
N ASN B 87 -22.50 -18.63 25.02
CA ASN B 87 -23.58 -18.14 25.86
C ASN B 87 -23.44 -18.66 27.28
N PRO B 88 -24.03 -17.95 28.25
CA PRO B 88 -23.97 -18.42 29.64
C PRO B 88 -24.50 -19.85 29.79
N ASN B 89 -23.75 -20.67 30.52
CA ASN B 89 -24.16 -22.04 30.80
C ASN B 89 -24.47 -22.27 32.27
N ARG B 90 -24.51 -21.20 33.07
CA ARG B 90 -25.08 -21.22 34.42
C ARG B 90 -26.07 -20.08 34.53
N GLU B 91 -26.76 -20.00 35.66
CA GLU B 91 -27.74 -18.95 35.87
C GLU B 91 -27.07 -17.58 35.91
N LEU B 92 -27.75 -16.58 35.35
CA LEU B 92 -27.27 -15.21 35.45
C LEU B 92 -27.51 -14.66 36.84
N SER B 93 -26.58 -13.83 37.32
CA SER B 93 -26.71 -13.21 38.62
C SER B 93 -25.64 -12.14 38.77
N GLU B 94 -26.02 -11.00 39.34
CA GLU B 94 -25.02 -10.02 39.75
C GLU B 94 -24.15 -10.55 40.88
N ASP B 95 -24.59 -11.60 41.56
CA ASP B 95 -23.79 -12.31 42.55
C ASP B 95 -23.00 -13.37 41.80
N CYS B 96 -21.80 -12.99 41.36
CA CYS B 96 -21.04 -13.82 40.43
C CYS B 96 -19.54 -13.79 40.64
N LEU B 97 -19.02 -13.10 41.65
CA LEU B 97 -17.57 -12.95 41.83
C LEU B 97 -17.04 -14.21 42.51
N TYR B 98 -16.77 -15.22 41.67
CA TYR B 98 -16.25 -16.50 42.12
C TYR B 98 -15.11 -16.92 41.20
N LEU B 99 -14.23 -17.79 41.70
CA LEU B 99 -13.14 -18.31 40.90
C LEU B 99 -13.06 -19.82 41.05
N ASN B 100 -12.32 -20.44 40.13
CA ASN B 100 -12.17 -21.88 40.07
C ASN B 100 -10.69 -22.24 40.07
N VAL B 101 -10.39 -23.42 40.60
CA VAL B 101 -9.02 -23.92 40.71
C VAL B 101 -8.99 -25.37 40.27
N TRP B 102 -8.12 -25.69 39.32
CA TRP B 102 -7.81 -27.06 38.94
C TRP B 102 -6.39 -27.37 39.37
N THR B 103 -6.20 -28.53 39.99
CA THR B 103 -4.88 -29.02 40.37
C THR B 103 -4.82 -30.50 40.00
N PRO B 104 -3.62 -31.05 39.84
CA PRO B 104 -3.50 -32.50 39.67
C PRO B 104 -4.01 -33.25 40.89
N TYR B 105 -4.32 -34.53 40.68
CA TYR B 105 -4.73 -35.44 41.74
C TYR B 105 -3.75 -36.59 41.76
N PRO B 106 -2.94 -36.77 42.83
CA PRO B 106 -2.95 -36.00 44.07
C PRO B 106 -2.44 -34.56 43.91
N ARG B 107 -2.77 -33.70 44.86
CA ARG B 107 -2.34 -32.31 44.78
C ARG B 107 -0.82 -32.24 44.81
N PRO B 108 -0.21 -31.33 44.03
CA PRO B 108 1.22 -31.44 43.75
C PRO B 108 2.08 -31.44 45.01
N ALA B 109 3.17 -32.23 44.96
CA ALA B 109 4.10 -32.30 46.08
C ALA B 109 4.88 -30.99 46.22
N SER B 110 5.57 -30.59 45.16
CA SER B 110 6.32 -29.35 45.13
C SER B 110 5.44 -28.20 44.65
N PRO B 111 5.85 -26.95 44.91
CA PRO B 111 5.07 -25.82 44.38
C PRO B 111 5.07 -25.81 42.87
N THR B 112 3.89 -25.55 42.29
CA THR B 112 3.64 -25.70 40.87
C THR B 112 3.29 -24.35 40.25
N PRO B 113 3.83 -24.03 39.08
CA PRO B 113 3.48 -22.77 38.41
C PRO B 113 1.99 -22.67 38.16
N VAL B 114 1.46 -21.45 38.32
CA VAL B 114 0.03 -21.18 38.23
C VAL B 114 -0.24 -20.45 36.92
N LEU B 115 -1.26 -20.90 36.19
CA LEU B 115 -1.81 -20.16 35.07
C LEU B 115 -3.17 -19.61 35.47
N ILE B 116 -3.40 -18.34 35.17
CA ILE B 116 -4.68 -17.68 35.48
C ILE B 116 -5.32 -17.26 34.17
N TRP B 117 -6.47 -17.86 33.86
CA TRP B 117 -7.20 -17.56 32.63
C TRP B 117 -8.15 -16.40 32.86
N ILE B 118 -8.20 -15.49 31.89
CA ILE B 118 -9.13 -14.36 31.90
C ILE B 118 -9.92 -14.43 30.59
N TYR B 119 -11.19 -14.77 30.68
CA TYR B 119 -11.98 -15.01 29.48
C TYR B 119 -12.23 -13.70 28.72
N GLY B 120 -12.61 -13.86 27.45
CA GLY B 120 -13.02 -12.75 26.62
C GLY B 120 -14.53 -12.65 26.51
N GLY B 121 -14.97 -11.84 25.56
CA GLY B 121 -16.39 -11.60 25.37
C GLY B 121 -16.71 -10.13 25.21
N GLY B 122 -15.76 -9.37 24.66
CA GLY B 122 -15.97 -7.96 24.37
C GLY B 122 -16.28 -7.10 25.57
N PHE B 123 -15.88 -7.51 26.77
CA PHE B 123 -16.18 -6.82 28.03
C PHE B 123 -17.67 -6.71 28.31
N TYR B 124 -18.50 -7.45 27.57
CA TYR B 124 -19.94 -7.47 27.81
C TYR B 124 -20.47 -8.87 28.12
N SER B 125 -19.63 -9.89 28.03
CA SER B 125 -20.09 -11.27 28.18
C SER B 125 -18.88 -12.15 28.52
N GLY B 126 -19.15 -13.43 28.73
CA GLY B 126 -18.13 -14.37 29.09
C GLY B 126 -18.35 -14.98 30.46
N ALA B 127 -17.70 -16.11 30.73
CA ALA B 127 -17.81 -16.81 31.99
C ALA B 127 -16.69 -17.85 32.07
N ALA B 128 -16.18 -18.07 33.27
CA ALA B 128 -15.11 -19.04 33.47
C ALA B 128 -15.62 -20.48 33.46
N SER B 129 -16.93 -20.70 33.27
CA SER B 129 -17.53 -22.02 33.33
C SER B 129 -17.77 -22.63 31.96
N LEU B 130 -17.42 -21.94 30.88
CA LEU B 130 -17.63 -22.48 29.55
C LEU B 130 -16.78 -23.73 29.32
N ASP B 131 -17.26 -24.60 28.43
CA ASP B 131 -16.54 -25.83 28.14
C ASP B 131 -15.15 -25.55 27.55
N VAL B 132 -15.02 -24.48 26.76
CA VAL B 132 -13.74 -24.19 26.12
C VAL B 132 -12.66 -23.86 27.15
N TYR B 133 -13.05 -23.44 28.35
CA TYR B 133 -12.10 -23.10 29.40
C TYR B 133 -11.95 -24.21 30.44
N ASP B 134 -12.31 -25.44 30.09
CA ASP B 134 -12.17 -26.57 31.01
C ASP B 134 -10.69 -26.78 31.35
N GLY B 135 -10.34 -26.56 32.61
CA GLY B 135 -8.96 -26.63 33.05
C GLY B 135 -8.47 -28.00 33.44
N ARG B 136 -9.26 -29.06 33.23
CA ARG B 136 -8.85 -30.38 33.71
C ARG B 136 -7.70 -30.95 32.90
N PHE B 137 -7.64 -30.64 31.59
CA PHE B 137 -6.62 -31.25 30.75
C PHE B 137 -5.24 -30.68 31.05
N LEU B 138 -5.14 -29.36 31.18
CA LEU B 138 -3.85 -28.75 31.50
C LEU B 138 -3.37 -29.18 32.88
N ALA B 139 -4.29 -29.30 33.84
CA ALA B 139 -3.90 -29.75 35.18
C ALA B 139 -3.51 -31.22 35.19
N GLN B 140 -4.11 -32.03 34.34
CA GLN B 140 -3.83 -33.46 34.32
C GLN B 140 -2.62 -33.82 33.46
N VAL B 141 -2.49 -33.20 32.29
CA VAL B 141 -1.43 -33.58 31.36
C VAL B 141 -0.13 -32.86 31.72
N GLU B 142 -0.20 -31.55 31.92
CA GLU B 142 0.99 -30.77 32.23
C GLU B 142 1.19 -30.54 33.73
N GLY B 143 0.28 -31.05 34.56
CA GLY B 143 0.42 -30.90 36.00
C GLY B 143 0.34 -29.47 36.50
N ALA B 144 -0.34 -28.60 35.76
CA ALA B 144 -0.42 -27.20 36.16
C ALA B 144 -1.53 -26.99 37.18
N VAL B 145 -1.38 -25.94 37.98
CA VAL B 145 -2.46 -25.42 38.80
C VAL B 145 -3.11 -24.31 37.98
N LEU B 146 -4.36 -24.53 37.57
CA LEU B 146 -5.08 -23.63 36.68
C LEU B 146 -6.17 -22.91 37.46
N VAL B 147 -6.24 -21.59 37.29
CA VAL B 147 -7.22 -20.76 37.98
C VAL B 147 -7.93 -19.88 36.95
N SER B 148 -9.25 -19.77 37.09
CA SER B 148 -10.03 -18.84 36.29
C SER B 148 -11.08 -18.19 37.18
N MET B 149 -11.38 -16.93 36.90
CA MET B 149 -12.30 -16.15 37.71
C MET B 149 -13.38 -15.54 36.84
N ASN B 150 -14.54 -15.32 37.44
CA ASN B 150 -15.55 -14.47 36.84
C ASN B 150 -15.28 -13.02 37.21
N TYR B 151 -15.59 -12.12 36.28
CA TYR B 151 -15.51 -10.70 36.54
C TYR B 151 -16.70 -10.02 35.90
N ARG B 152 -17.09 -8.88 36.46
CA ARG B 152 -18.30 -8.19 35.99
C ARG B 152 -18.08 -7.63 34.60
N VAL B 153 -19.10 -7.73 33.76
CA VAL B 153 -19.05 -7.29 32.37
C VAL B 153 -20.20 -6.32 32.13
N GLY B 154 -20.16 -5.67 30.96
CA GLY B 154 -21.20 -4.72 30.61
C GLY B 154 -21.23 -3.55 31.57
N THR B 155 -22.44 -3.02 31.78
CA THR B 155 -22.61 -1.89 32.69
C THR B 155 -22.12 -2.22 34.09
N PHE B 156 -22.36 -3.45 34.54
CA PHE B 156 -21.98 -3.85 35.89
C PHE B 156 -20.47 -3.84 36.07
N GLY B 157 -19.72 -4.02 34.99
CA GLY B 157 -18.27 -4.06 35.10
C GLY B 157 -17.59 -2.75 34.76
N PHE B 158 -18.17 -1.95 33.87
CA PHE B 158 -17.42 -0.86 33.29
C PHE B 158 -18.19 0.43 33.03
N LEU B 159 -19.47 0.53 33.39
CA LEU B 159 -20.13 1.83 33.29
C LEU B 159 -19.51 2.76 34.30
N ALA B 160 -19.06 3.92 33.84
CA ALA B 160 -18.24 4.82 34.64
C ALA B 160 -18.78 6.23 34.56
N LEU B 161 -18.89 6.87 35.71
CA LEU B 161 -18.99 8.31 35.78
C LEU B 161 -17.63 8.79 36.25
N PRO B 162 -16.67 9.00 35.34
CA PRO B 162 -15.29 9.24 35.75
C PRO B 162 -15.16 10.39 36.74
N GLY B 163 -14.46 10.11 37.84
CA GLY B 163 -14.34 11.05 38.94
C GLY B 163 -15.38 10.89 40.02
N SER B 164 -16.48 10.21 39.74
CA SER B 164 -17.49 9.97 40.76
C SER B 164 -17.00 8.95 41.77
N ARG B 165 -17.56 9.01 42.98
CA ARG B 165 -17.24 8.03 43.99
C ARG B 165 -18.07 6.76 43.81
N GLU B 166 -19.28 6.88 43.25
CA GLU B 166 -20.22 5.76 43.18
C GLU B 166 -20.04 4.88 41.95
N ALA B 167 -19.43 5.39 40.89
CA ALA B 167 -19.20 4.61 39.67
C ALA B 167 -17.86 5.03 39.06
N PRO B 168 -16.75 4.65 39.70
CA PRO B 168 -15.44 5.15 39.28
C PRO B 168 -14.94 4.53 38.00
N GLY B 169 -15.54 3.43 37.54
CA GLY B 169 -15.09 2.75 36.34
C GLY B 169 -14.07 1.66 36.64
N ASN B 170 -13.94 0.75 35.66
CA ASN B 170 -12.93 -0.30 35.66
C ASN B 170 -13.11 -1.32 36.78
N VAL B 171 -14.30 -1.39 37.40
CA VAL B 171 -14.46 -2.32 38.52
C VAL B 171 -14.34 -3.76 38.04
N GLY B 172 -14.67 -4.03 36.77
CA GLY B 172 -14.46 -5.37 36.24
C GLY B 172 -13.01 -5.77 36.24
N LEU B 173 -12.11 -4.82 35.98
CA LEU B 173 -10.68 -5.10 36.08
C LEU B 173 -10.26 -5.27 37.53
N LEU B 174 -10.84 -4.46 38.44
CA LEU B 174 -10.57 -4.64 39.86
C LEU B 174 -11.04 -6.00 40.35
N ASP B 175 -12.15 -6.51 39.79
CA ASP B 175 -12.57 -7.88 40.08
C ASP B 175 -11.46 -8.87 39.73
N GLN B 176 -10.86 -8.72 38.55
CA GLN B 176 -9.76 -9.59 38.16
C GLN B 176 -8.58 -9.43 39.11
N ARG B 177 -8.22 -8.19 39.44
CA ARG B 177 -7.08 -7.95 40.31
C ARG B 177 -7.31 -8.55 41.69
N LEU B 178 -8.53 -8.46 42.22
CA LEU B 178 -8.81 -9.06 43.52
C LEU B 178 -8.61 -10.57 43.47
N ALA B 179 -9.10 -11.22 42.41
CA ALA B 179 -8.85 -12.65 42.25
C ALA B 179 -7.36 -12.94 42.15
N LEU B 180 -6.58 -12.02 41.57
CA LEU B 180 -5.14 -12.19 41.53
C LEU B 180 -4.53 -12.14 42.93
N GLN B 181 -4.97 -11.19 43.76
CA GLN B 181 -4.53 -11.17 45.15
C GLN B 181 -4.91 -12.45 45.87
N TRP B 182 -6.12 -12.96 45.61
CA TRP B 182 -6.54 -14.21 46.21
C TRP B 182 -5.58 -15.34 45.88
N VAL B 183 -5.11 -15.39 44.63
CA VAL B 183 -4.17 -16.42 44.23
C VAL B 183 -2.87 -16.30 45.01
N GLN B 184 -2.38 -15.06 45.18
CA GLN B 184 -1.18 -14.84 45.98
C GLN B 184 -1.34 -15.41 47.38
N GLU B 185 -2.45 -15.07 48.04
CA GLU B 185 -2.63 -15.40 49.45
C GLU B 185 -3.02 -16.84 49.69
N ASN B 186 -3.52 -17.56 48.68
CA ASN B 186 -4.16 -18.85 48.91
C ASN B 186 -3.69 -19.99 48.01
N ILE B 187 -3.12 -19.72 46.83
CA ILE B 187 -2.87 -20.80 45.87
C ILE B 187 -1.87 -21.80 46.42
N ALA B 188 -1.00 -21.38 47.34
CA ALA B 188 -0.03 -22.30 47.91
C ALA B 188 -0.71 -23.43 48.68
N ALA B 189 -1.90 -23.16 49.22
CA ALA B 189 -2.67 -24.21 49.90
C ALA B 189 -3.13 -25.29 48.93
N PHE B 190 -3.24 -24.98 47.63
CA PHE B 190 -3.62 -25.96 46.63
C PHE B 190 -2.43 -26.65 45.99
N GLY B 191 -1.21 -26.23 46.31
CA GLY B 191 -0.01 -26.71 45.64
C GLY B 191 0.54 -25.77 44.59
N GLY B 192 -0.08 -24.60 44.41
CA GLY B 192 0.42 -23.64 43.45
C GLY B 192 1.59 -22.84 43.99
N ASP B 193 2.35 -22.26 43.06
CA ASP B 193 3.50 -21.43 43.40
C ASP B 193 3.13 -19.97 43.18
N PRO B 194 2.85 -19.20 44.24
CA PRO B 194 2.51 -17.78 44.04
C PRO B 194 3.64 -16.96 43.47
N MET B 195 4.86 -17.50 43.43
CA MET B 195 5.99 -16.83 42.84
C MET B 195 6.18 -17.15 41.36
N SER B 196 5.31 -17.98 40.78
CA SER B 196 5.30 -18.24 39.34
C SER B 196 3.83 -18.24 38.90
N VAL B 197 3.32 -17.07 38.55
CA VAL B 197 1.93 -16.89 38.14
C VAL B 197 1.93 -16.31 36.74
N THR B 198 1.30 -17.03 35.80
CA THR B 198 1.21 -16.61 34.41
C THR B 198 -0.24 -16.28 34.09
N LEU B 199 -0.48 -15.05 33.64
CA LEU B 199 -1.78 -14.66 33.15
C LEU B 199 -1.90 -15.02 31.68
N PHE B 200 -3.08 -15.50 31.28
CA PHE B 200 -3.36 -15.66 29.85
C PHE B 200 -4.85 -15.50 29.61
N GLY B 201 -5.17 -14.75 28.55
CA GLY B 201 -6.55 -14.50 28.18
C GLY B 201 -6.62 -14.24 26.69
N GLU B 202 -7.85 -14.26 26.18
CA GLU B 202 -8.09 -14.09 24.76
C GLU B 202 -9.10 -12.96 24.53
N SER B 203 -8.89 -12.20 23.46
CA SER B 203 -9.75 -11.08 23.06
C SER B 203 -9.82 -10.10 24.22
N ALA B 204 -11.01 -9.76 24.73
CA ALA B 204 -11.09 -8.85 25.87
C ALA B 204 -10.30 -9.37 27.06
N GLY B 205 -10.23 -10.69 27.22
CA GLY B 205 -9.36 -11.26 28.24
C GLY B 205 -7.90 -10.93 27.99
N ALA B 206 -7.45 -11.04 26.73
CA ALA B 206 -6.10 -10.63 26.41
C ALA B 206 -5.88 -9.15 26.68
N ALA B 207 -6.85 -8.31 26.30
CA ALA B 207 -6.76 -6.89 26.60
C ALA B 207 -6.68 -6.65 28.11
N SER B 208 -7.51 -7.35 28.88
CA SER B 208 -7.44 -7.24 30.34
C SER B 208 -6.05 -7.60 30.85
N VAL B 209 -5.51 -8.72 30.37
CA VAL B 209 -4.13 -9.11 30.72
C VAL B 209 -3.18 -7.96 30.44
N GLY B 210 -3.30 -7.36 29.24
CA GLY B 210 -2.42 -6.26 28.89
C GLY B 210 -2.57 -5.05 29.80
N MET B 211 -3.76 -4.84 30.36
CA MET B 211 -3.95 -3.70 31.25
C MET B 211 -3.40 -3.98 32.64
N HIS B 212 -3.39 -5.24 33.07
CA HIS B 212 -2.65 -5.58 34.28
C HIS B 212 -1.16 -5.38 34.09
N ILE B 213 -0.67 -5.56 32.87
CA ILE B 213 0.72 -5.21 32.57
C ILE B 213 0.93 -3.70 32.73
N LEU B 214 -0.04 -2.91 32.31
CA LEU B 214 0.10 -1.46 32.27
C LEU B 214 -0.38 -0.77 33.56
N SER B 215 -0.91 -1.52 34.52
CA SER B 215 -1.34 -0.97 35.80
C SER B 215 -0.41 -1.49 36.89
N LEU B 216 0.27 -0.57 37.57
CA LEU B 216 1.37 -0.96 38.44
C LEU B 216 0.93 -1.78 39.66
N PRO B 217 -0.18 -1.48 40.35
CA PRO B 217 -0.60 -2.36 41.46
C PRO B 217 -0.83 -3.81 41.03
N SER B 218 -1.16 -4.04 39.76
CA SER B 218 -1.34 -5.41 39.28
C SER B 218 -0.03 -6.13 39.09
N ARG B 219 1.06 -5.39 38.86
CA ARG B 219 2.30 -6.01 38.37
C ARG B 219 2.96 -6.90 39.41
N SER B 220 2.72 -6.65 40.70
CA SER B 220 3.27 -7.50 41.75
C SER B 220 2.45 -8.78 41.95
N LEU B 221 1.46 -9.03 41.10
CA LEU B 221 0.58 -10.19 41.24
C LEU B 221 0.80 -11.25 40.19
N PHE B 222 1.69 -11.02 39.23
CA PHE B 222 2.00 -12.03 38.22
C PHE B 222 3.41 -11.79 37.70
N HIS B 223 3.90 -12.75 36.93
CA HIS B 223 5.25 -12.70 36.39
C HIS B 223 5.32 -12.86 34.88
N ARG B 224 4.28 -13.42 34.24
CA ARG B 224 4.28 -13.62 32.81
C ARG B 224 2.86 -13.45 32.29
N ALA B 225 2.76 -13.18 30.98
CA ALA B 225 1.47 -12.88 30.37
C ALA B 225 1.41 -13.49 28.98
N VAL B 226 0.21 -13.92 28.61
CA VAL B 226 -0.09 -14.37 27.26
C VAL B 226 -1.33 -13.62 26.78
N LEU B 227 -1.20 -12.96 25.63
CA LEU B 227 -2.28 -12.16 25.06
C LEU B 227 -2.66 -12.78 23.73
N GLN B 228 -3.76 -13.53 23.71
CA GLN B 228 -4.26 -14.18 22.51
C GLN B 228 -5.32 -13.29 21.88
N SER B 229 -5.04 -12.77 20.69
CA SER B 229 -6.03 -12.08 19.86
C SER B 229 -6.66 -10.90 20.58
N GLY B 230 -5.84 -10.11 21.27
CA GLY B 230 -6.34 -8.94 21.97
C GLY B 230 -5.25 -8.14 22.65
N THR B 231 -5.43 -6.83 22.74
CA THR B 231 -4.42 -5.92 23.26
C THR B 231 -5.07 -4.80 24.05
N PRO B 232 -4.36 -4.23 25.03
CA PRO B 232 -4.91 -3.03 25.69
C PRO B 232 -4.95 -1.83 24.77
N ASN B 233 -3.94 -1.66 23.92
CA ASN B 233 -3.99 -0.66 22.87
C ASN B 233 -4.98 -1.10 21.80
N GLY B 234 -5.30 -0.18 20.90
CA GLY B 234 -6.19 -0.48 19.81
C GLY B 234 -7.48 0.33 19.88
N PRO B 235 -8.34 0.17 18.86
CA PRO B 235 -9.50 1.05 18.73
C PRO B 235 -10.69 0.70 19.62
N TRP B 236 -10.72 -0.48 20.25
CA TRP B 236 -11.92 -0.94 20.94
C TRP B 236 -11.73 -1.23 22.42
N ALA B 237 -10.50 -1.42 22.90
CA ALA B 237 -10.30 -1.94 24.24
C ALA B 237 -10.48 -0.90 25.34
N THR B 238 -10.39 0.40 25.01
CA THR B 238 -10.55 1.44 26.01
C THR B 238 -11.41 2.57 25.45
N VAL B 239 -11.82 3.46 26.35
CA VAL B 239 -12.48 4.71 25.97
C VAL B 239 -11.94 5.81 26.86
N SER B 240 -11.99 7.04 26.34
CA SER B 240 -11.67 8.20 27.15
C SER B 240 -12.71 8.39 28.25
N ALA B 241 -12.33 9.14 29.27
CA ALA B 241 -13.27 9.44 30.35
C ALA B 241 -14.48 10.20 29.83
N GLY B 242 -14.26 11.12 28.89
CA GLY B 242 -15.37 11.88 28.34
C GLY B 242 -16.37 11.00 27.60
N GLU B 243 -15.88 10.03 26.84
CA GLU B 243 -16.77 9.14 26.13
C GLU B 243 -17.46 8.16 27.07
N ALA B 244 -16.77 7.74 28.14
CA ALA B 244 -17.40 6.90 29.13
C ALA B 244 -18.54 7.63 29.86
N ARG B 245 -18.33 8.91 30.17
CA ARG B 245 -19.39 9.67 30.83
C ARG B 245 -20.57 9.89 29.88
N ARG B 246 -20.29 10.05 28.59
CA ARG B 246 -21.38 10.21 27.63
C ARG B 246 -22.20 8.94 27.50
N ARG B 247 -21.54 7.78 27.42
CA ARG B 247 -22.27 6.53 27.25
C ARG B 247 -23.08 6.17 28.49
N ALA B 248 -22.48 6.34 29.67
CA ALA B 248 -23.20 6.10 30.92
C ALA B 248 -24.39 7.03 31.06
N THR B 249 -24.20 8.31 30.72
CA THR B 249 -25.27 9.29 30.85
C THR B 249 -26.42 8.97 29.91
N LEU B 250 -26.12 8.46 28.72
CA LEU B 250 -27.19 8.17 27.77
C LEU B 250 -27.93 6.89 28.14
N LEU B 251 -27.22 5.89 28.67
CA LEU B 251 -27.91 4.69 29.14
C LEU B 251 -28.84 5.02 30.29
N ALA B 252 -28.39 5.89 31.21
CA ALA B 252 -29.25 6.32 32.30
C ALA B 252 -30.52 6.99 31.78
N ARG B 253 -30.38 7.83 30.75
CA ARG B 253 -31.55 8.46 30.15
C ARG B 253 -32.41 7.43 29.42
N LEU B 254 -31.79 6.40 28.83
CA LEU B 254 -32.57 5.38 28.12
C LEU B 254 -33.41 4.53 29.06
N VAL B 255 -32.97 4.36 30.30
CA VAL B 255 -33.72 3.58 31.29
C VAL B 255 -34.51 4.48 32.23
N GLY B 256 -34.66 5.76 31.90
CA GLY B 256 -35.50 6.66 32.65
C GLY B 256 -34.85 7.35 33.83
N CYS B 257 -33.53 7.27 33.96
CA CYS B 257 -32.84 7.89 35.09
C CYS B 257 -32.28 9.23 34.66
N PRO B 258 -32.71 10.34 35.29
CA PRO B 258 -32.30 11.69 34.91
C PRO B 258 -31.10 12.19 35.72
N GLY B 264 -28.45 15.05 36.31
CA GLY B 264 -28.00 16.00 37.31
C GLY B 264 -26.75 15.55 38.04
N ASN B 265 -26.84 15.52 39.37
CA ASN B 265 -25.74 15.06 40.21
C ASN B 265 -25.28 13.67 39.79
N ASP B 266 -23.97 13.43 39.90
CA ASP B 266 -23.45 12.08 39.69
C ASP B 266 -24.10 11.11 40.66
N THR B 267 -24.17 11.49 41.95
CA THR B 267 -24.73 10.63 42.97
C THR B 267 -26.19 10.30 42.68
N GLU B 268 -26.98 11.33 42.34
CA GLU B 268 -28.40 11.10 42.06
C GLU B 268 -28.57 10.14 40.88
N LEU B 269 -27.78 10.33 39.82
CA LEU B 269 -27.90 9.49 38.63
C LEU B 269 -27.60 8.04 38.96
N ILE B 270 -26.48 7.78 39.64
CA ILE B 270 -26.07 6.42 39.92
C ILE B 270 -27.07 5.72 40.83
N ALA B 271 -27.66 6.45 41.77
CA ALA B 271 -28.65 5.87 42.67
C ALA B 271 -29.82 5.29 41.88
N CYS B 272 -30.35 6.05 40.92
CA CYS B 272 -31.47 5.57 40.12
C CYS B 272 -31.11 4.32 39.33
N LEU B 273 -29.89 4.29 38.77
CA LEU B 273 -29.45 3.10 38.04
C LEU B 273 -29.38 1.89 38.95
N ARG B 274 -29.08 2.08 40.24
N ARG B 274 -29.08 2.09 40.24
CA ARG B 274 -29.04 0.96 41.17
CA ARG B 274 -29.05 0.98 41.19
C ARG B 274 -30.41 0.43 41.52
C ARG B 274 -30.42 0.41 41.47
N THR B 275 -31.48 1.15 41.16
CA THR B 275 -32.85 0.67 41.34
C THR B 275 -33.38 -0.05 40.11
N ARG B 276 -32.56 -0.23 39.09
CA ARG B 276 -33.06 -0.83 37.87
C ARG B 276 -32.75 -2.31 37.84
N PRO B 277 -33.72 -3.16 37.51
CA PRO B 277 -33.43 -4.58 37.30
C PRO B 277 -32.34 -4.75 36.24
N ALA B 278 -31.55 -5.81 36.41
CA ALA B 278 -30.35 -5.99 35.59
C ALA B 278 -30.69 -6.02 34.10
N GLN B 279 -31.76 -6.73 33.73
CA GLN B 279 -32.09 -6.88 32.31
C GLN B 279 -32.42 -5.54 31.67
N ASP B 280 -32.91 -4.57 32.45
CA ASP B 280 -33.15 -3.23 31.91
C ASP B 280 -31.86 -2.61 31.39
N LEU B 281 -30.76 -2.75 32.14
CA LEU B 281 -29.49 -2.20 31.70
C LEU B 281 -28.96 -2.93 30.48
N VAL B 282 -29.07 -4.27 30.46
CA VAL B 282 -28.62 -5.04 29.30
C VAL B 282 -29.45 -4.69 28.07
N ASP B 283 -30.72 -4.32 28.27
CA ASP B 283 -31.60 -4.04 27.14
C ASP B 283 -31.12 -2.85 26.30
N HIS B 284 -30.46 -1.88 26.93
CA HIS B 284 -30.02 -0.67 26.23
C HIS B 284 -28.51 -0.54 26.15
N GLU B 285 -27.78 -1.43 26.80
CA GLU B 285 -26.33 -1.62 26.67
C GLU B 285 -25.78 -1.21 25.31
N TRP B 286 -26.36 -1.77 24.25
CA TRP B 286 -25.80 -1.71 22.91
C TRP B 286 -26.21 -0.47 22.13
N HIS B 287 -27.09 0.38 22.67
CA HIS B 287 -27.64 1.50 21.93
C HIS B 287 -26.94 2.82 22.23
N VAL B 288 -25.76 2.77 22.87
CA VAL B 288 -25.06 3.99 23.25
C VAL B 288 -23.75 4.15 22.49
N LEU B 289 -23.49 3.29 21.51
CA LEU B 289 -22.31 3.48 20.67
C LEU B 289 -22.48 4.75 19.82
N PRO B 290 -21.40 5.52 19.62
CA PRO B 290 -21.54 6.78 18.87
C PRO B 290 -21.83 6.58 17.39
N GLN B 291 -21.45 5.46 16.81
CA GLN B 291 -21.72 5.17 15.41
C GLN B 291 -22.17 3.73 15.28
N GLU B 292 -22.76 3.40 14.13
CA GLU B 292 -22.97 1.99 13.81
C GLU B 292 -21.61 1.34 13.58
N SER B 293 -21.35 0.24 14.28
CA SER B 293 -20.01 -0.28 14.36
C SER B 293 -20.02 -1.81 14.31
N ILE B 294 -18.84 -2.36 14.08
CA ILE B 294 -18.52 -3.74 14.41
C ILE B 294 -17.19 -3.72 15.14
N PHE B 295 -16.98 -4.73 15.98
CA PHE B 295 -15.82 -4.78 16.88
C PHE B 295 -15.72 -3.51 17.71
N ARG B 296 -16.86 -3.05 18.22
CA ARG B 296 -16.92 -1.95 19.17
C ARG B 296 -17.92 -2.32 20.26
N PHE B 297 -17.55 -2.05 21.50
CA PHE B 297 -18.36 -2.44 22.65
C PHE B 297 -18.61 -1.22 23.52
N SER B 298 -19.83 -1.15 24.07
CA SER B 298 -20.28 0.09 24.71
C SER B 298 -19.59 0.33 26.05
N PHE B 299 -19.31 -0.72 26.81
CA PHE B 299 -18.78 -0.56 28.16
C PHE B 299 -17.52 -1.40 28.32
N VAL B 300 -16.38 -0.72 28.31
CA VAL B 300 -15.05 -1.31 28.28
C VAL B 300 -14.19 -0.52 29.27
N PRO B 301 -12.96 -0.94 29.57
CA PRO B 301 -12.11 -0.13 30.45
C PRO B 301 -12.02 1.32 30.00
N VAL B 302 -11.88 2.21 30.99
CA VAL B 302 -11.83 3.65 30.76
C VAL B 302 -10.47 4.16 31.21
N VAL B 303 -9.93 5.13 30.46
CA VAL B 303 -8.72 5.81 30.88
C VAL B 303 -9.10 6.77 32.01
N ASP B 304 -9.04 6.27 33.24
CA ASP B 304 -9.50 7.00 34.40
C ASP B 304 -8.43 7.88 35.03
N GLY B 305 -7.18 7.75 34.60
CA GLY B 305 -6.08 8.36 35.32
C GLY B 305 -5.73 7.67 36.61
N ASP B 306 -6.33 6.50 36.88
CA ASP B 306 -6.12 5.76 38.11
C ASP B 306 -5.62 4.35 37.79
N PHE B 307 -6.54 3.44 37.48
CA PHE B 307 -6.13 2.12 37.02
C PHE B 307 -5.24 2.22 35.79
N LEU B 308 -5.61 3.08 34.85
CA LEU B 308 -4.78 3.42 33.70
C LEU B 308 -4.40 4.89 33.83
N SER B 309 -3.14 5.16 34.17
CA SER B 309 -2.67 6.53 34.34
C SER B 309 -2.68 7.30 33.02
N ASP B 310 -2.69 6.60 31.90
CA ASP B 310 -2.71 7.23 30.59
C ASP B 310 -3.32 6.25 29.60
N THR B 311 -3.43 6.67 28.34
CA THR B 311 -3.86 5.78 27.29
C THR B 311 -2.90 4.60 27.21
N PRO B 312 -3.40 3.39 26.90
CA PRO B 312 -2.48 2.25 26.74
C PRO B 312 -1.39 2.51 25.72
N GLU B 313 -1.68 3.28 24.68
CA GLU B 313 -0.66 3.62 23.69
C GLU B 313 0.47 4.43 24.34
N ALA B 314 0.12 5.42 25.15
CA ALA B 314 1.14 6.21 25.85
C ALA B 314 1.93 5.34 26.83
N LEU B 315 1.28 4.36 27.45
CA LEU B 315 1.94 3.55 28.45
C LEU B 315 2.89 2.52 27.84
N ILE B 316 2.48 1.89 26.74
CA ILE B 316 3.38 0.95 26.08
C ILE B 316 4.54 1.68 25.42
N ASN B 317 4.34 2.94 25.05
CA ASN B 317 5.38 3.72 24.39
C ASN B 317 6.47 4.17 25.37
N THR B 318 6.18 4.20 26.67
CA THR B 318 7.12 4.75 27.65
C THR B 318 7.40 3.85 28.84
N GLY B 319 6.71 2.72 28.98
CA GLY B 319 6.89 1.88 30.14
C GLY B 319 8.25 1.19 30.16
N ASP B 320 8.55 0.60 31.32
CA ASP B 320 9.75 -0.21 31.52
C ASP B 320 9.30 -1.64 31.73
N PHE B 321 9.63 -2.52 30.79
CA PHE B 321 9.17 -3.90 30.80
C PHE B 321 10.32 -4.90 30.87
N GLN B 322 11.43 -4.51 31.51
CA GLN B 322 12.63 -5.35 31.52
C GLN B 322 12.35 -6.74 32.10
N ASP B 323 11.69 -6.79 33.27
CA ASP B 323 11.44 -8.05 33.97
C ASP B 323 10.20 -8.78 33.45
N LEU B 324 9.86 -8.63 32.18
CA LEU B 324 8.62 -9.16 31.64
C LEU B 324 8.88 -10.12 30.49
N GLN B 325 8.09 -11.18 30.43
CA GLN B 325 8.07 -12.12 29.31
C GLN B 325 6.64 -12.25 28.83
N VAL B 326 6.44 -12.17 27.52
CA VAL B 326 5.10 -12.11 26.94
C VAL B 326 5.01 -13.04 25.74
N LEU B 327 3.91 -13.77 25.65
CA LEU B 327 3.52 -14.52 24.45
C LEU B 327 2.30 -13.85 23.83
N VAL B 328 2.37 -13.56 22.54
CA VAL B 328 1.31 -12.84 21.84
C VAL B 328 1.06 -13.50 20.49
N GLY B 329 -0.17 -13.39 20.00
CA GLY B 329 -0.46 -13.97 18.70
C GLY B 329 -1.89 -13.73 18.28
N VAL B 330 -2.18 -14.22 17.06
CA VAL B 330 -3.46 -13.99 16.39
C VAL B 330 -3.92 -15.31 15.76
N VAL B 331 -5.18 -15.33 15.36
CA VAL B 331 -5.69 -16.39 14.51
C VAL B 331 -5.64 -15.92 13.06
N LYS B 332 -5.85 -16.86 12.14
CA LYS B 332 -5.65 -16.55 10.72
C LYS B 332 -6.72 -15.61 10.16
N ASP B 333 -7.91 -15.56 10.78
CA ASP B 333 -9.03 -14.80 10.23
C ASP B 333 -9.76 -14.07 11.36
N GLU B 334 -9.05 -13.10 11.96
CA GLU B 334 -9.55 -12.42 13.15
C GLU B 334 -10.91 -11.78 12.92
N GLY B 335 -11.12 -11.17 11.75
CA GLY B 335 -12.29 -10.33 11.55
C GLY B 335 -13.53 -10.98 10.98
N SER B 336 -13.44 -12.23 10.52
CA SER B 336 -14.56 -12.83 9.81
C SER B 336 -15.78 -13.03 10.71
N TYR B 337 -15.55 -13.42 11.97
CA TYR B 337 -16.65 -13.65 12.91
C TYR B 337 -17.55 -12.42 13.03
N PHE B 338 -16.95 -11.23 13.02
CA PHE B 338 -17.68 -10.02 13.36
C PHE B 338 -18.55 -9.50 12.22
N LEU B 339 -18.32 -9.97 10.98
CA LEU B 339 -19.06 -9.42 9.85
C LEU B 339 -20.52 -9.86 9.85
N VAL B 340 -20.83 -11.03 10.42
CA VAL B 340 -22.19 -11.56 10.39
C VAL B 340 -23.04 -10.94 11.47
N TYR B 341 -22.50 -9.95 12.20
CA TYR B 341 -23.23 -9.24 13.24
C TYR B 341 -23.54 -7.80 12.83
N GLY B 342 -23.93 -7.59 11.57
CA GLY B 342 -24.40 -6.28 11.18
C GLY B 342 -23.94 -5.73 9.84
N VAL B 343 -22.99 -6.39 9.19
CA VAL B 343 -22.47 -5.94 7.90
C VAL B 343 -23.36 -6.53 6.80
N PRO B 344 -24.04 -5.69 6.01
CA PRO B 344 -24.93 -6.22 4.98
C PRO B 344 -24.17 -7.04 3.94
N GLY B 345 -24.76 -8.16 3.55
CA GLY B 345 -24.15 -9.07 2.60
C GLY B 345 -23.44 -10.24 3.21
N PHE B 346 -23.30 -10.28 4.54
CA PHE B 346 -22.57 -11.33 5.23
C PHE B 346 -23.53 -12.22 6.02
N SER B 347 -23.28 -13.53 5.97
CA SER B 347 -24.14 -14.50 6.62
C SER B 347 -23.37 -15.79 6.83
N LYS B 348 -23.73 -16.50 7.91
CA LYS B 348 -23.17 -17.81 8.16
C LYS B 348 -23.61 -18.83 7.12
N ASP B 349 -24.81 -18.66 6.55
CA ASP B 349 -25.39 -19.65 5.65
C ASP B 349 -25.12 -19.32 4.19
N ASN B 350 -24.75 -18.10 3.93
CA ASN B 350 -24.48 -17.56 2.61
C ASN B 350 -22.96 -17.66 2.40
N GLU B 351 -22.50 -17.50 1.17
CA GLU B 351 -21.04 -17.44 0.98
C GLU B 351 -20.54 -16.01 1.05
N SER B 352 -21.45 -15.07 1.25
CA SER B 352 -21.13 -13.68 1.55
C SER B 352 -20.28 -13.05 0.45
N LEU B 353 -20.56 -13.43 -0.79
CA LEU B 353 -19.94 -12.76 -1.93
C LEU B 353 -20.57 -11.37 -2.06
N ILE B 354 -19.75 -10.34 -1.86
CA ILE B 354 -20.26 -8.98 -1.74
C ILE B 354 -19.85 -8.17 -2.96
N SER B 355 -20.67 -7.16 -3.27
CA SER B 355 -20.35 -6.20 -4.31
C SER B 355 -19.33 -5.19 -3.79
N ARG B 356 -18.85 -4.34 -4.71
CA ARG B 356 -17.92 -3.29 -4.31
C ARG B 356 -18.62 -2.24 -3.43
N ALA B 357 -19.86 -1.89 -3.77
CA ALA B 357 -20.60 -0.92 -2.98
C ALA B 357 -20.78 -1.39 -1.55
N GLN B 358 -21.16 -2.66 -1.36
CA GLN B 358 -21.24 -3.24 -0.03
C GLN B 358 -19.88 -3.19 0.67
N PHE B 359 -18.80 -3.31 -0.09
CA PHE B 359 -17.46 -3.25 0.51
C PHE B 359 -17.17 -1.85 1.04
N LEU B 360 -17.51 -0.81 0.26
CA LEU B 360 -17.33 0.55 0.76
C LEU B 360 -18.23 0.82 1.95
N ALA B 361 -19.48 0.33 1.91
CA ALA B 361 -20.37 0.49 3.05
C ALA B 361 -19.85 -0.27 4.26
N GLY B 362 -19.30 -1.47 4.05
CA GLY B 362 -18.78 -2.26 5.15
C GLY B 362 -17.57 -1.61 5.82
N VAL B 363 -16.78 -0.87 5.06
CA VAL B 363 -15.58 -0.25 5.64
C VAL B 363 -15.95 0.88 6.58
N ARG B 364 -17.04 1.61 6.29
CA ARG B 364 -17.48 2.65 7.23
C ARG B 364 -17.91 2.05 8.56
N ILE B 365 -18.44 0.83 8.54
CA ILE B 365 -18.81 0.15 9.79
C ILE B 365 -17.57 -0.38 10.50
N GLY B 366 -16.62 -0.93 9.74
CA GLY B 366 -15.43 -1.51 10.36
C GLY B 366 -14.51 -0.45 10.94
N VAL B 367 -14.38 0.69 10.28
CA VAL B 367 -13.64 1.83 10.83
C VAL B 367 -14.63 2.94 11.11
N PRO B 368 -15.47 2.82 12.15
CA PRO B 368 -16.53 3.82 12.37
C PRO B 368 -16.00 5.21 12.68
N GLN B 369 -14.78 5.31 13.21
CA GLN B 369 -14.18 6.59 13.55
C GLN B 369 -13.58 7.30 12.34
N ALA B 370 -13.62 6.70 11.16
CA ALA B 370 -12.86 7.20 10.02
C ALA B 370 -13.59 8.30 9.28
N SER B 371 -12.84 9.33 8.91
CA SER B 371 -13.35 10.33 7.99
C SER B 371 -13.51 9.72 6.59
N ASP B 372 -14.16 10.48 5.71
CA ASP B 372 -14.37 10.00 4.34
C ASP B 372 -13.05 9.67 3.66
N LEU B 373 -12.03 10.50 3.86
CA LEU B 373 -10.74 10.28 3.22
C LEU B 373 -10.03 9.07 3.82
N ALA B 374 -10.13 8.89 5.14
CA ALA B 374 -9.51 7.72 5.77
C ALA B 374 -10.19 6.42 5.35
N ALA B 375 -11.50 6.47 5.09
CA ALA B 375 -12.18 5.29 4.59
C ALA B 375 -11.76 4.99 3.15
N GLU B 376 -11.64 6.02 2.32
CA GLU B 376 -11.13 5.82 0.97
C GLU B 376 -9.70 5.28 1.00
N ALA B 377 -8.89 5.75 1.95
CA ALA B 377 -7.53 5.23 2.06
C ALA B 377 -7.52 3.74 2.37
N VAL B 378 -8.40 3.28 3.25
CA VAL B 378 -8.48 1.86 3.56
C VAL B 378 -9.04 1.10 2.36
N VAL B 379 -10.08 1.63 1.72
CA VAL B 379 -10.69 0.97 0.57
C VAL B 379 -9.66 0.74 -0.52
N LEU B 380 -8.89 1.77 -0.87
CA LEU B 380 -7.93 1.64 -1.96
C LEU B 380 -6.73 0.78 -1.55
N HIS B 381 -6.40 0.74 -0.26
CA HIS B 381 -5.31 -0.11 0.18
C HIS B 381 -5.68 -1.59 0.10
N TYR B 382 -6.91 -1.93 0.50
CA TYR B 382 -7.32 -3.32 0.58
C TYR B 382 -7.94 -3.85 -0.70
N THR B 383 -8.31 -2.99 -1.64
CA THR B 383 -8.78 -3.45 -2.94
C THR B 383 -7.65 -4.15 -3.68
N ASP B 384 -7.98 -5.27 -4.34
CA ASP B 384 -7.06 -5.92 -5.27
C ASP B 384 -7.30 -5.31 -6.65
N TRP B 385 -6.40 -4.45 -7.09
CA TRP B 385 -6.66 -3.65 -8.28
C TRP B 385 -6.49 -4.42 -9.58
N LEU B 386 -6.13 -5.70 -9.53
CA LEU B 386 -6.32 -6.55 -10.71
C LEU B 386 -7.72 -7.13 -10.78
N HIS B 387 -8.34 -7.40 -9.63
CA HIS B 387 -9.73 -7.87 -9.56
C HIS B 387 -10.55 -6.97 -8.64
N PRO B 388 -10.66 -5.67 -8.95
CA PRO B 388 -11.29 -4.75 -7.99
C PRO B 388 -12.76 -5.03 -7.74
N GLU B 389 -13.41 -5.81 -8.61
CA GLU B 389 -14.83 -6.12 -8.47
C GLU B 389 -15.09 -7.56 -8.02
N ASP B 390 -14.08 -8.42 -8.03
CA ASP B 390 -14.26 -9.82 -7.68
C ASP B 390 -14.85 -9.96 -6.28
N PRO B 391 -16.01 -10.61 -6.13
CA PRO B 391 -16.65 -10.64 -4.80
C PRO B 391 -15.89 -11.48 -3.79
N THR B 392 -15.21 -12.55 -4.21
CA THR B 392 -14.44 -13.35 -3.28
C THR B 392 -13.32 -12.54 -2.65
N HIS B 393 -12.63 -11.73 -3.45
N HIS B 393 -12.62 -11.72 -3.44
CA HIS B 393 -11.59 -10.84 -2.95
CA HIS B 393 -11.59 -10.90 -2.81
C HIS B 393 -12.16 -9.77 -2.03
C HIS B 393 -12.22 -9.81 -1.95
N LEU B 394 -13.31 -9.20 -2.41
CA LEU B 394 -13.93 -8.15 -1.62
C LEU B 394 -14.43 -8.69 -0.29
N ARG B 395 -14.96 -9.91 -0.28
CA ARG B 395 -15.36 -10.54 0.97
C ARG B 395 -14.15 -10.77 1.87
N ASP B 396 -13.10 -11.40 1.34
CA ASP B 396 -11.92 -11.71 2.15
C ASP B 396 -11.23 -10.44 2.63
N ALA B 397 -11.29 -9.36 1.86
CA ALA B 397 -10.65 -8.12 2.26
C ALA B 397 -11.44 -7.42 3.37
N MET B 398 -12.77 -7.48 3.30
CA MET B 398 -13.59 -6.98 4.40
C MET B 398 -13.23 -7.66 5.72
N SER B 399 -13.10 -8.99 5.68
CA SER B 399 -12.68 -9.72 6.87
C SER B 399 -11.27 -9.34 7.30
N ALA B 400 -10.41 -8.95 6.35
CA ALA B 400 -9.05 -8.56 6.69
C ALA B 400 -8.98 -7.13 7.22
N VAL B 401 -9.86 -6.25 6.76
CA VAL B 401 -9.89 -4.88 7.31
C VAL B 401 -10.22 -4.93 8.79
N VAL B 402 -11.28 -5.65 9.15
CA VAL B 402 -11.68 -5.74 10.55
C VAL B 402 -10.61 -6.45 11.37
N GLY B 403 -10.04 -7.53 10.82
CA GLY B 403 -9.05 -8.29 11.57
C GLY B 403 -7.77 -7.51 11.81
N ASP B 404 -7.26 -6.86 10.78
CA ASP B 404 -6.01 -6.11 10.93
C ASP B 404 -6.20 -4.88 11.81
N HIS B 405 -7.31 -4.15 11.60
CA HIS B 405 -7.52 -2.90 12.33
C HIS B 405 -7.70 -3.15 13.83
N ASN B 406 -8.37 -4.23 14.19
CA ASN B 406 -8.75 -4.45 15.59
C ASN B 406 -7.83 -5.40 16.33
N VAL B 407 -7.16 -6.33 15.65
CA VAL B 407 -6.34 -7.31 16.37
C VAL B 407 -4.90 -7.33 15.86
N VAL B 408 -4.71 -7.68 14.58
CA VAL B 408 -3.37 -8.04 14.10
C VAL B 408 -2.40 -6.88 14.25
N CYS B 409 -2.81 -5.68 13.84
CA CYS B 409 -1.88 -4.56 13.91
C CYS B 409 -1.76 -4.01 15.34
N PRO B 410 -2.82 -4.00 16.15
CA PRO B 410 -2.61 -3.74 17.58
C PRO B 410 -1.65 -4.73 18.23
N VAL B 411 -1.70 -6.00 17.83
CA VAL B 411 -0.77 -6.99 18.38
C VAL B 411 0.66 -6.70 17.94
N ALA B 412 0.85 -6.45 16.64
CA ALA B 412 2.19 -6.16 16.13
C ALA B 412 2.77 -4.90 16.78
N GLN B 413 1.93 -3.89 17.00
CA GLN B 413 2.39 -2.68 17.66
C GLN B 413 2.82 -2.96 19.09
N LEU B 414 2.00 -3.71 19.85
CA LEU B 414 2.33 -4.04 21.22
C LEU B 414 3.60 -4.88 21.29
N ALA B 415 3.69 -5.92 20.45
CA ALA B 415 4.86 -6.79 20.43
C ALA B 415 6.13 -5.99 20.19
N GLY B 416 6.09 -5.06 19.23
CA GLY B 416 7.27 -4.28 18.92
C GLY B 416 7.64 -3.30 20.02
N ARG B 417 6.63 -2.69 20.67
CA ARG B 417 6.92 -1.72 21.72
C ARG B 417 7.42 -2.41 22.98
N LEU B 418 6.83 -3.56 23.33
CA LEU B 418 7.30 -4.30 24.49
C LEU B 418 8.72 -4.80 24.27
N ALA B 419 8.98 -5.40 23.10
CA ALA B 419 10.33 -5.89 22.81
C ALA B 419 11.35 -4.77 22.83
N ALA B 420 10.98 -3.60 22.31
CA ALA B 420 11.92 -2.48 22.24
C ALA B 420 12.26 -1.93 23.61
N GLN B 421 11.48 -2.24 24.65
CA GLN B 421 11.64 -1.63 25.96
C GLN B 421 11.77 -2.69 27.04
N GLY B 422 12.63 -3.68 26.80
CA GLY B 422 13.09 -4.60 27.83
C GLY B 422 12.40 -5.95 27.84
N ALA B 423 11.19 -6.06 27.32
CA ALA B 423 10.43 -7.28 27.46
C ALA B 423 10.95 -8.37 26.52
N ARG B 424 10.74 -9.62 26.94
CA ARG B 424 11.04 -10.80 26.14
C ARG B 424 9.73 -11.27 25.51
N VAL B 425 9.67 -11.27 24.18
CA VAL B 425 8.41 -11.43 23.46
C VAL B 425 8.51 -12.61 22.50
N TYR B 426 7.53 -13.50 22.58
CA TYR B 426 7.33 -14.57 21.61
C TYR B 426 5.99 -14.37 20.92
N ALA B 427 5.96 -14.53 19.60
CA ALA B 427 4.78 -14.22 18.81
C ALA B 427 4.42 -15.39 17.90
N TYR B 428 3.13 -15.56 17.67
CA TYR B 428 2.63 -16.67 16.86
C TYR B 428 1.50 -16.20 15.96
N ILE B 429 1.21 -17.01 14.95
CA ILE B 429 -0.03 -16.94 14.19
C ILE B 429 -0.62 -18.35 14.18
N PHE B 430 -1.88 -18.46 14.56
CA PHE B 430 -2.57 -19.75 14.67
C PHE B 430 -3.39 -19.97 13.40
N GLU B 431 -3.05 -21.02 12.65
CA GLU B 431 -3.57 -21.18 11.30
C GLU B 431 -4.41 -22.45 11.09
N HIS B 432 -4.61 -23.26 12.12
CA HIS B 432 -5.37 -24.49 11.97
C HIS B 432 -6.85 -24.24 12.22
N ARG B 433 -7.70 -24.76 11.34
CA ARG B 433 -9.15 -24.70 11.49
C ARG B 433 -9.67 -26.03 12.00
N ALA B 434 -10.41 -26.00 13.10
CA ALA B 434 -10.86 -27.23 13.73
C ALA B 434 -11.78 -28.02 12.81
N SER B 435 -11.52 -29.33 12.69
CA SER B 435 -12.38 -30.19 11.92
C SER B 435 -13.80 -30.22 12.46
N THR B 436 -13.99 -29.85 13.73
CA THR B 436 -15.31 -29.81 14.35
C THR B 436 -16.00 -28.47 14.21
N LEU B 437 -15.38 -27.50 13.53
CA LEU B 437 -15.98 -26.17 13.45
C LEU B 437 -17.23 -26.18 12.58
N THR B 438 -18.24 -25.44 13.03
CA THR B 438 -19.53 -25.41 12.37
C THR B 438 -19.80 -24.11 11.59
N TRP B 439 -18.94 -23.10 11.73
CA TRP B 439 -19.04 -21.92 10.91
C TRP B 439 -18.65 -22.25 9.46
N PRO B 440 -19.11 -21.46 8.50
CA PRO B 440 -18.81 -21.77 7.10
C PRO B 440 -17.32 -21.62 6.79
N LEU B 441 -16.92 -22.22 5.66
CA LEU B 441 -15.50 -22.29 5.30
C LEU B 441 -14.92 -20.92 5.00
N TRP B 442 -15.74 -19.99 4.50
CA TRP B 442 -15.21 -18.68 4.13
C TRP B 442 -14.74 -17.89 5.34
N MET B 443 -15.21 -18.23 6.54
CA MET B 443 -14.73 -17.57 7.77
C MET B 443 -13.33 -18.03 8.16
N GLY B 444 -12.85 -19.14 7.60
CA GLY B 444 -11.49 -19.57 7.87
C GLY B 444 -11.32 -20.01 9.31
N VAL B 445 -10.32 -19.45 9.98
CA VAL B 445 -10.07 -19.69 11.40
C VAL B 445 -10.60 -18.49 12.17
N PRO B 446 -11.82 -18.54 12.70
CA PRO B 446 -12.42 -17.34 13.28
C PRO B 446 -11.87 -17.02 14.66
N HIS B 447 -12.00 -15.73 15.00
CA HIS B 447 -11.69 -15.18 16.31
C HIS B 447 -12.20 -16.07 17.45
N GLY B 448 -11.28 -16.67 18.19
CA GLY B 448 -11.62 -17.42 19.38
C GLY B 448 -11.50 -18.93 19.28
N TYR B 449 -11.13 -19.47 18.12
CA TYR B 449 -11.16 -20.92 17.92
C TYR B 449 -9.77 -21.54 17.98
N GLU B 450 -8.82 -20.86 18.59
CA GLU B 450 -7.60 -21.48 19.09
C GLU B 450 -7.73 -21.93 20.53
N ILE B 451 -8.73 -21.40 21.25
CA ILE B 451 -8.83 -21.61 22.69
C ILE B 451 -9.02 -23.09 23.02
N GLU B 452 -9.92 -23.76 22.30
CA GLU B 452 -10.21 -25.16 22.59
C GLU B 452 -8.97 -26.04 22.42
N PHE B 453 -8.03 -25.63 21.57
CA PHE B 453 -6.81 -26.41 21.38
C PHE B 453 -5.79 -26.15 22.49
N ILE B 454 -5.75 -24.93 23.01
CA ILE B 454 -4.79 -24.60 24.06
C ILE B 454 -5.20 -25.23 25.38
N PHE B 455 -6.50 -25.35 25.63
CA PHE B 455 -6.97 -25.99 26.86
C PHE B 455 -6.98 -27.51 26.77
N GLY B 456 -6.68 -28.07 25.60
CA GLY B 456 -6.55 -29.51 25.49
C GLY B 456 -7.84 -30.28 25.30
N LEU B 457 -8.89 -29.64 24.80
CA LEU B 457 -10.15 -30.34 24.57
C LEU B 457 -10.04 -31.49 23.58
N PRO B 458 -9.23 -31.43 22.49
CA PRO B 458 -9.11 -32.59 21.60
C PRO B 458 -8.72 -33.89 22.29
N LEU B 459 -8.07 -33.79 23.45
CA LEU B 459 -7.69 -35.00 24.19
C LEU B 459 -8.90 -35.74 24.77
N ASP B 460 -10.09 -35.13 24.72
CA ASP B 460 -11.33 -35.81 25.09
C ASP B 460 -11.82 -36.60 23.89
N PRO B 461 -11.76 -37.94 23.93
CA PRO B 461 -12.13 -38.72 22.74
C PRO B 461 -13.57 -38.52 22.31
N SER B 462 -14.47 -38.16 23.23
CA SER B 462 -15.89 -38.10 22.91
C SER B 462 -16.27 -36.90 22.06
N LEU B 463 -15.37 -35.92 21.89
CA LEU B 463 -15.69 -34.72 21.12
C LEU B 463 -15.29 -34.85 19.64
N ASN B 464 -14.78 -36.01 19.22
CA ASN B 464 -14.66 -36.37 17.81
C ASN B 464 -13.65 -35.51 17.05
N TYR B 465 -12.58 -35.07 17.72
CA TYR B 465 -11.49 -34.42 16.99
C TYR B 465 -10.65 -35.46 16.27
N THR B 466 -9.85 -35.00 15.31
CA THR B 466 -8.96 -35.91 14.59
C THR B 466 -7.70 -36.19 15.40
N THR B 467 -7.07 -37.33 15.10
CA THR B 467 -5.94 -37.78 15.90
C THR B 467 -4.75 -36.83 15.79
N GLU B 468 -4.55 -36.19 14.65
CA GLU B 468 -3.50 -35.18 14.55
C GLU B 468 -3.82 -33.97 15.41
N GLU B 469 -5.10 -33.58 15.46
CA GLU B 469 -5.50 -32.45 16.29
C GLU B 469 -5.23 -32.72 17.76
N ARG B 470 -5.28 -34.00 18.17
CA ARG B 470 -4.87 -34.34 19.53
C ARG B 470 -3.39 -34.06 19.74
N ILE B 471 -2.54 -34.59 18.85
CA ILE B 471 -1.11 -34.32 18.90
C ILE B 471 -0.84 -32.82 18.84
N PHE B 472 -1.62 -32.11 18.02
CA PHE B 472 -1.47 -30.66 17.90
C PHE B 472 -1.78 -29.97 19.23
N ALA B 473 -2.87 -30.36 19.88
CA ALA B 473 -3.23 -29.74 21.16
C ALA B 473 -2.15 -29.98 22.22
N GLN B 474 -1.59 -31.19 22.25
CA GLN B 474 -0.53 -31.48 23.21
C GLN B 474 0.68 -30.59 22.98
N ARG B 475 1.03 -30.35 21.71
CA ARG B 475 2.11 -29.42 21.39
C ARG B 475 1.83 -28.04 21.95
N LEU B 476 0.60 -27.55 21.75
CA LEU B 476 0.24 -26.20 22.21
C LEU B 476 0.21 -26.13 23.73
N MET B 477 -0.30 -27.17 24.38
CA MET B 477 -0.28 -27.21 25.84
C MET B 477 1.14 -27.13 26.37
N LYS B 478 2.09 -27.75 25.67
CA LYS B 478 3.48 -27.72 26.13
C LYS B 478 4.12 -26.36 25.88
N TYR B 479 3.82 -25.73 24.74
CA TYR B 479 4.27 -24.36 24.52
C TYR B 479 3.82 -23.45 25.65
N TRP B 480 2.51 -23.48 25.95
CA TRP B 480 1.95 -22.56 26.93
C TRP B 480 2.49 -22.83 28.33
N THR B 481 2.55 -24.11 28.73
CA THR B 481 2.99 -24.42 30.08
C THR B 481 4.50 -24.27 30.24
N ASN B 482 5.28 -24.63 29.20
CA ASN B 482 6.70 -24.34 29.25
C ASN B 482 6.94 -22.84 29.37
N PHE B 483 6.10 -22.04 28.70
CA PHE B 483 6.20 -20.59 28.86
C PHE B 483 5.86 -20.18 30.30
N ALA B 484 4.86 -20.83 30.90
CA ALA B 484 4.51 -20.51 32.27
C ALA B 484 5.64 -20.88 33.24
N ARG B 485 6.33 -22.00 32.97
CA ARG B 485 7.41 -22.42 33.85
C ARG B 485 8.63 -21.53 33.68
N THR B 486 8.96 -21.15 32.44
CA THR B 486 10.27 -20.60 32.11
C THR B 486 10.25 -19.21 31.49
N GLY B 487 9.11 -18.76 30.96
CA GLY B 487 9.13 -17.59 30.10
C GLY B 487 9.61 -17.88 28.70
N ASP B 488 9.79 -19.15 28.34
CA ASP B 488 10.27 -19.59 27.04
C ASP B 488 9.42 -20.77 26.60
N PRO B 489 8.72 -20.68 25.46
CA PRO B 489 7.82 -21.77 25.06
C PRO B 489 8.53 -23.00 24.52
N ASN B 490 9.85 -22.96 24.37
CA ASN B 490 10.57 -24.07 23.74
C ASN B 490 10.80 -25.20 24.75
N ASP B 491 10.49 -26.42 24.33
CA ASP B 491 10.69 -27.60 25.17
C ASP B 491 12.17 -27.76 25.49
N PRO B 492 12.57 -27.73 26.76
CA PRO B 492 14.00 -27.89 27.08
C PRO B 492 14.51 -29.30 26.87
N ARG B 493 13.62 -30.30 26.81
CA ARG B 493 14.05 -31.64 26.46
C ARG B 493 14.27 -31.77 24.96
N ASP B 494 13.37 -31.21 24.16
CA ASP B 494 13.53 -31.20 22.71
C ASP B 494 14.74 -30.38 22.32
N SER B 495 15.63 -30.97 21.52
CA SER B 495 16.91 -30.34 21.16
C SER B 495 17.12 -30.40 19.65
N LYS B 496 16.16 -29.86 18.90
CA LYS B 496 16.23 -29.84 17.46
C LYS B 496 15.79 -28.47 16.94
N SER B 497 16.23 -28.16 15.73
CA SER B 497 15.70 -27.02 14.99
C SER B 497 14.43 -27.43 14.25
N PRO B 498 13.41 -26.57 14.18
CA PRO B 498 13.43 -25.16 14.60
C PRO B 498 12.99 -24.90 16.04
N GLN B 499 13.62 -23.92 16.66
CA GLN B 499 13.18 -23.39 17.93
C GLN B 499 12.36 -22.12 17.70
N TRP B 500 11.56 -21.78 18.69
CA TRP B 500 10.72 -20.58 18.64
C TRP B 500 11.55 -19.36 19.03
N PRO B 501 11.86 -18.48 18.08
CA PRO B 501 12.72 -17.34 18.39
C PRO B 501 11.93 -16.21 19.03
N PRO B 502 12.59 -15.36 19.81
CA PRO B 502 11.91 -14.16 20.32
C PRO B 502 11.60 -13.18 19.19
N TYR B 503 10.49 -12.47 19.35
CA TYR B 503 10.15 -11.40 18.41
C TYR B 503 10.94 -10.15 18.79
N THR B 504 11.67 -9.59 17.83
CA THR B 504 12.41 -8.36 18.01
C THR B 504 11.90 -7.30 17.05
N THR B 505 12.28 -6.05 17.34
CA THR B 505 12.00 -4.95 16.42
C THR B 505 12.80 -5.10 15.13
N ALA B 506 14.00 -5.68 15.22
CA ALA B 506 14.87 -5.78 14.06
C ALA B 506 14.40 -6.86 13.10
N ALA B 507 14.28 -8.10 13.59
CA ALA B 507 14.01 -9.24 12.73
C ALA B 507 12.53 -9.58 12.63
N GLN B 508 11.74 -9.24 13.66
CA GLN B 508 10.27 -9.36 13.61
C GLN B 508 9.82 -10.81 13.39
N GLN B 509 10.53 -11.76 13.98
CA GLN B 509 10.24 -13.16 13.74
C GLN B 509 9.07 -13.66 14.60
N TYR B 510 8.20 -14.45 13.98
CA TYR B 510 7.11 -15.12 14.66
C TYR B 510 6.98 -16.52 14.05
N VAL B 511 6.14 -17.35 14.67
CA VAL B 511 6.00 -18.74 14.25
C VAL B 511 4.54 -19.03 13.91
N SER B 512 4.34 -19.99 13.03
CA SER B 512 3.01 -20.42 12.59
C SER B 512 2.62 -21.69 13.34
N LEU B 513 1.48 -21.64 14.02
CA LEU B 513 0.97 -22.79 14.78
C LEU B 513 -0.05 -23.52 13.93
N ASN B 514 0.37 -24.65 13.36
CA ASN B 514 -0.48 -25.51 12.55
C ASN B 514 -0.07 -26.95 12.78
N LEU B 515 -0.68 -27.87 12.04
CA LEU B 515 -0.34 -29.28 12.18
C LEU B 515 1.03 -29.59 11.58
N LYS B 516 1.55 -28.74 10.71
CA LYS B 516 2.93 -28.85 10.28
C LYS B 516 3.85 -28.38 11.41
N PRO B 517 5.11 -28.79 11.40
CA PRO B 517 6.05 -28.29 12.41
C PRO B 517 6.17 -26.78 12.37
N LEU B 518 6.67 -26.22 13.47
CA LEU B 518 6.78 -24.78 13.61
C LEU B 518 7.63 -24.20 12.49
N GLU B 519 7.14 -23.12 11.89
CA GLU B 519 7.82 -22.44 10.79
C GLU B 519 8.03 -20.99 11.18
N VAL B 520 9.24 -20.50 11.02
CA VAL B 520 9.61 -19.16 11.46
C VAL B 520 9.40 -18.19 10.30
N ARG B 521 8.65 -17.13 10.57
CA ARG B 521 8.36 -16.09 9.57
C ARG B 521 8.71 -14.73 10.15
N ARG B 522 9.09 -13.82 9.27
CA ARG B 522 9.55 -12.49 9.65
C ARG B 522 8.57 -11.44 9.18
N GLY B 523 8.14 -10.58 10.10
CA GLY B 523 7.23 -9.51 9.77
C GLY B 523 5.77 -9.88 9.82
N LEU B 524 5.07 -9.34 10.80
CA LEU B 524 3.69 -9.68 11.07
C LEU B 524 2.81 -8.64 10.39
N ARG B 525 2.48 -8.91 9.12
CA ARG B 525 1.70 -7.99 8.30
C ARG B 525 2.33 -6.60 8.29
N ALA B 526 3.63 -6.57 8.02
CA ALA B 526 4.43 -5.38 8.29
C ALA B 526 4.01 -4.19 7.43
N GLN B 527 3.84 -4.40 6.12
CA GLN B 527 3.49 -3.29 5.24
C GLN B 527 2.09 -2.77 5.56
N THR B 528 1.13 -3.67 5.73
CA THR B 528 -0.24 -3.25 5.99
C THR B 528 -0.38 -2.63 7.37
N CYS B 529 0.35 -3.13 8.36
CA CYS B 529 0.26 -2.55 9.70
C CYS B 529 0.99 -1.22 9.78
N ALA B 530 2.00 -1.01 8.93
CA ALA B 530 2.56 0.33 8.80
C ALA B 530 1.48 1.33 8.40
N PHE B 531 0.55 0.91 7.55
CA PHE B 531 -0.57 1.77 7.18
C PHE B 531 -1.45 2.08 8.37
N TRP B 532 -1.82 1.05 9.15
CA TRP B 532 -2.74 1.25 10.27
C TRP B 532 -2.07 1.98 11.41
N ASN B 533 -0.84 1.60 11.76
CA ASN B 533 -0.21 2.11 12.97
C ASN B 533 0.55 3.42 12.76
N ARG B 534 1.06 3.66 11.56
CA ARG B 534 1.85 4.87 11.30
C ARG B 534 1.13 5.90 10.45
N PHE B 535 0.43 5.49 9.39
CA PHE B 535 -0.15 6.50 8.52
C PHE B 535 -1.54 6.93 8.95
N LEU B 536 -2.44 5.97 9.17
CA LEU B 536 -3.82 6.31 9.49
C LEU B 536 -3.97 7.28 10.66
N PRO B 537 -3.24 7.17 11.78
CA PRO B 537 -3.38 8.18 12.83
C PRO B 537 -3.06 9.58 12.34
N LYS B 538 -2.03 9.74 11.51
CA LYS B 538 -1.67 11.05 11.01
C LYS B 538 -2.74 11.59 10.07
N LEU B 539 -3.33 10.72 9.25
CA LEU B 539 -4.41 11.16 8.36
C LEU B 539 -5.63 11.62 9.17
N LEU B 540 -6.17 10.73 10.00
CA LEU B 540 -7.29 11.07 10.87
C LEU B 540 -7.02 12.37 11.63
N SER B 541 -5.79 12.54 12.10
CA SER B 541 -5.41 13.78 12.78
C SER B 541 -5.65 14.99 11.88
N ALA B 542 -4.96 15.04 10.74
CA ALA B 542 -5.04 16.19 9.85
C ALA B 542 -6.31 16.18 9.02
N THR B 543 -7.30 15.42 9.44
CA THR B 543 -8.62 15.44 8.80
C THR B 543 -9.70 15.49 9.87
C1 NAG C . 28.34 8.51 -4.10
C2 NAG C . 28.24 8.65 -2.57
C3 NAG C . 27.64 10.00 -2.20
C4 NAG C . 28.41 11.13 -2.86
C5 NAG C . 28.46 10.91 -4.36
C6 NAG C . 29.34 11.92 -5.06
C7 NAG C . 28.03 6.51 -1.38
C8 NAG C . 27.07 5.50 -0.80
N2 NAG C . 27.47 7.57 -1.97
O3 NAG C . 27.67 10.18 -0.78
O4 NAG C . 27.77 12.38 -2.59
O5 NAG C . 29.03 9.63 -4.65
O6 NAG C . 30.71 11.56 -4.90
O7 NAG C . 29.25 6.36 -1.32
C1 NAG D . 34.32 -2.23 -30.13
C2 NAG D . 34.52 -0.74 -29.92
C3 NAG D . 35.80 -0.27 -30.60
C4 NAG D . 36.99 -1.11 -30.16
C5 NAG D . 36.69 -2.60 -30.36
C6 NAG D . 37.82 -3.51 -29.92
C7 NAG D . 32.54 0.70 -29.62
C8 NAG D . 31.42 1.40 -30.31
N2 NAG D . 33.37 0.00 -30.40
O3 NAG D . 36.08 1.11 -30.33
O4 NAG D . 38.22 -0.74 -30.80
O5 NAG D . 35.48 -2.94 -29.66
O6 NAG D . 37.32 -4.68 -29.29
O7 NAG D . 32.69 0.75 -28.39
CAG 5IK E . 17.32 12.40 -23.33
CAE 5IK E . 16.17 12.21 -24.11
CAD 5IK E . 15.38 11.09 -23.91
CAF 5IK E . 15.75 10.17 -22.94
CAH 5IK E . 16.89 10.36 -22.18
CAX 5IK E . 17.70 11.50 -22.36
CAS 5IK E . 18.94 11.72 -21.53
NBE 5IK E . 18.74 12.77 -20.44
CAA 5IK E . 20.08 13.10 -19.90
CAT 5IK E . 17.86 12.35 -19.28
CAY 5IK E . 17.79 13.38 -18.17
CAL 5IK E . 18.32 13.20 -16.88
CAJ 5IK E . 18.24 14.19 -15.89
CAK 5IK E . 17.19 14.62 -18.37
CAI 5IK E . 17.12 15.60 -17.37
CAW 5IK E . 17.65 15.44 -16.09
CAR 5IK E . 17.55 16.54 -15.01
OAU 5IK E . 16.53 17.53 -15.18
CAZ 5IK E . 16.73 18.72 -15.87
CAP 5IK E . 15.74 19.70 -15.98
CAM 5IK E . 17.97 19.02 -16.50
CAN 5IK E . 18.18 20.21 -17.18
CBD 5IK E . 17.20 21.22 -17.31
CBC 5IK E . 15.97 20.91 -16.68
OAV 5IK E . 14.93 21.78 -16.71
CBB 5IK E . 15.04 22.96 -17.42
OAB 5IK E . 14.00 23.59 -17.47
CAO 5IK E . 16.32 23.34 -18.02
CBA 5IK E . 17.36 22.50 -18.01
CAQ 5IK E . 18.73 23.05 -18.34
OAC 5IK E . 18.63 24.38 -18.78
C1 EDO F . 19.80 26.34 -53.71
O1 EDO F . 21.10 26.47 -54.31
C2 EDO F . 19.87 26.81 -52.26
O2 EDO F . 18.55 26.84 -51.71
C5 PG0 G . -9.01 29.85 -20.73
O2 PG0 G . -7.69 29.45 -20.61
C4 PG0 G . -7.40 28.38 -19.81
C3 PG0 G . -7.78 27.14 -20.53
O1 PG0 G . -8.46 26.29 -19.67
C2 PG0 G . -9.83 26.18 -19.78
C1 PG0 G . -10.28 24.93 -19.11
OTT PG0 G . -11.52 25.15 -18.54
C5 PG0 H . 16.01 -5.02 -48.58
O2 PG0 H . 14.84 -5.62 -48.16
C4 PG0 H . 13.88 -4.86 -47.52
C3 PG0 H . 12.62 -5.63 -47.44
O1 PG0 H . 11.55 -4.77 -47.54
C2 PG0 H . 10.39 -5.19 -48.13
C1 PG0 H . 9.66 -4.03 -48.70
OTT PG0 H . 8.98 -4.42 -49.84
C5 PG0 I . 14.08 41.58 -32.39
O2 PG0 I . 15.25 40.92 -32.76
C4 PG0 I . 16.38 41.09 -32.00
C3 PG0 I . 17.40 40.06 -32.37
O1 PG0 I . 18.24 39.85 -31.30
C2 PG0 I . 19.28 38.95 -31.38
C1 PG0 I . 19.81 38.69 -30.01
OTT PG0 I . 21.19 38.62 -30.06
C5 PG0 J . 20.57 31.99 -33.54
O2 PG0 J . 20.16 32.82 -32.52
C4 PG0 J . 21.06 33.09 -31.50
C3 PG0 J . 20.74 34.40 -30.87
O1 PG0 J . 21.91 35.09 -30.70
C2 PG0 J . 22.53 35.05 -29.47
C1 PG0 J . 24.00 35.26 -29.64
OTT PG0 J . 24.67 34.59 -28.62
C5 PG0 K . 8.51 -3.63 0.02
O2 PG0 K . 7.94 -2.40 -0.25
C4 PG0 K . 6.96 -2.30 -1.21
C3 PG0 K . 6.96 -0.91 -1.75
O1 PG0 K . 7.59 -0.93 -2.97
C2 PG0 K . 8.94 -0.64 -3.03
C1 PG0 K . 9.43 -0.84 -4.42
OTT PG0 K . 10.82 -0.88 -4.41
C5 PG0 L . 16.61 -3.94 -8.42
O2 PG0 L . 16.98 -2.89 -9.24
C4 PG0 L . 17.72 -3.15 -10.36
C3 PG0 L . 19.08 -2.57 -10.17
O1 PG0 L . 20.01 -3.60 -10.13
C2 PG0 L . 20.76 -3.76 -8.99
C1 PG0 L . 22.08 -4.36 -9.33
OTT PG0 L . 22.98 -4.05 -8.34
C5 PG0 M . 6.54 0.97 -42.30
O2 PG0 M . 6.93 -0.09 -43.09
C4 PG0 M . 6.34 -0.28 -44.31
C3 PG0 M . 7.13 -1.23 -45.13
O1 PG0 M . 6.30 -2.23 -45.60
C2 PG0 M . 6.86 -3.35 -46.19
C1 PG0 M . 6.09 -4.55 -45.79
OTT PG0 M . 6.95 -5.63 -45.70
C5 PG0 N . 28.26 14.61 -46.27
O2 PG0 N . 28.80 13.75 -45.32
C4 PG0 N . 28.07 13.48 -44.19
C3 PG0 N . 27.24 12.26 -44.41
O1 PG0 N . 26.01 12.45 -43.82
C2 PG0 N . 25.43 11.42 -43.13
C1 PG0 N . 24.70 11.97 -41.96
OTT PG0 N . 24.25 10.94 -41.15
C1 NAG O . -26.48 -13.56 2.07
C2 NAG O . -26.94 -12.41 1.11
C3 NAG O . -27.66 -11.26 1.83
C4 NAG O . -28.83 -11.79 2.63
C5 NAG O . -28.29 -12.83 3.63
C6 NAG O . -29.36 -13.49 4.51
C7 NAG O . -25.97 -11.59 -0.98
C8 NAG O . -24.76 -11.10 -1.67
N2 NAG O . -25.84 -11.87 0.31
O3 NAG O . -28.13 -10.33 0.86
O4 NAG O . -29.52 -10.75 3.36
O5 NAG O . -27.51 -13.88 3.02
O6 NAG O . -29.65 -14.83 4.13
O7 NAG O . -27.07 -11.71 -1.57
C1 NAG P . -19.32 -37.87 18.12
C2 NAG P . -20.41 -37.19 18.95
C3 NAG P . -21.40 -38.23 19.46
C4 NAG P . -21.97 -39.02 18.29
C5 NAG P . -20.85 -39.63 17.46
C6 NAG P . -21.35 -40.30 16.20
C7 NAG P . -19.98 -35.10 20.17
C8 NAG P . -19.35 -34.48 21.37
N2 NAG P . -19.84 -36.42 20.05
O3 NAG P . -22.45 -37.57 20.17
O4 NAG P . -22.81 -40.06 18.78
O5 NAG P . -19.92 -38.61 17.04
O6 NAG P . -20.29 -40.92 15.48
O7 NAG P . -20.60 -34.44 19.33
CAG 5IK Q . -16.29 -14.88 22.61
CAE 5IK Q . -15.10 -14.75 23.31
CAD 5IK Q . -13.88 -14.89 22.68
CAF 5IK Q . -13.87 -15.17 21.31
CAH 5IK Q . -15.06 -15.30 20.61
CAX 5IK Q . -16.30 -15.16 21.25
CAS 5IK Q . -17.59 -15.30 20.49
NBE 5IK Q . -18.23 -13.96 20.24
CAA 5IK Q . -19.63 -14.21 19.82
CAT 5IK Q . -17.55 -13.11 19.18
CAY 5IK Q . -18.35 -11.88 18.79
CAL 5IK Q . -18.92 -11.68 17.53
CAJ 5IK Q . -19.66 -10.54 17.22
CAK 5IK Q . -18.57 -10.86 19.70
CAI 5IK Q . -19.31 -9.72 19.39
CAW 5IK Q . -19.89 -9.50 18.13
CAR 5IK Q . -20.69 -8.24 17.79
OAU 5IK Q . -20.49 -7.11 18.65
CAZ 5IK Q . -21.26 -6.87 19.78
CAP 5IK Q . -21.08 -5.74 20.57
CAM 5IK Q . -22.28 -7.76 20.21
CAN 5IK Q . -23.06 -7.51 21.35
CBD 5IK Q . -22.89 -6.38 22.15
CBC 5IK Q . -21.87 -5.50 21.72
OAV 5IK Q . -21.57 -4.36 22.37
CBB 5IK Q . -22.29 -4.02 23.50
OAB 5IK Q . -21.88 -3.00 24.03
CAO 5IK Q . -23.39 -4.86 23.96
CBA 5IK Q . -23.67 -6.03 23.36
CAQ 5IK Q . -25.02 -6.66 23.64
OAC 5IK Q . -25.71 -5.91 24.61
C5 PG0 R . -7.23 -15.81 4.72
O2 PG0 R . -8.20 -15.56 3.77
C4 PG0 R . -8.75 -16.63 3.08
C3 PG0 R . -10.17 -16.79 3.50
O1 PG0 R . -10.32 -18.06 4.00
C2 PG0 R . -11.15 -18.95 3.33
C1 PG0 R . -10.32 -20.11 2.88
OTT PG0 R . -10.87 -20.64 1.73
C5 PG0 S . -2.86 12.23 31.61
O2 PG0 S . -4.06 11.60 31.37
C4 PG0 S . -4.77 11.07 32.43
C3 PG0 S . -6.22 10.98 32.09
O1 PG0 S . -6.95 11.42 33.16
C2 PG0 S . -8.32 11.34 33.15
C1 PG0 S . -8.88 12.40 34.04
OTT PG0 S . -8.16 12.43 35.22
C5 PG0 T . 7.10 -8.40 38.22
O2 PG0 T . 7.34 -9.25 39.27
C4 PG0 T . 6.49 -9.26 40.36
C3 PG0 T . 7.05 -10.11 41.44
O1 PG0 T . 6.25 -10.01 42.56
C2 PG0 T . 6.22 -11.05 43.47
C5 PG0 U . -5.18 -19.51 57.73
O2 PG0 U . -5.01 -20.37 56.65
C4 PG0 U . -4.21 -20.03 55.59
C3 PG0 U . -4.48 -20.86 54.36
O1 PG0 U . -3.72 -20.40 53.31
C2 PG0 U . -2.35 -20.53 53.39
C1 PG0 U . -1.71 -20.25 52.07
OTT PG0 U . -0.34 -20.24 52.23
O2' TOE V . -6.93 -10.39 1.65
CA' TOE V . -6.59 -9.12 2.03
CB' TOE V . -6.34 -8.29 0.82
OC' TOE V . -5.55 -7.20 1.15
CD' TOE V . -4.26 -7.17 0.66
CE' TOE V . -3.99 -5.86 0.01
OF' TOE V . -4.13 -6.03 -1.35
CG' TOE V . -3.08 -6.50 -2.10
CH' TOE V . -3.55 -7.61 -2.97
OI' TOE V . -2.49 -8.08 -3.71
CK' TOE V . -1.64 -9.01 -3.15
C13 P15 W . 2.53 -1.20 -0.04
O6 P15 W . 1.78 -0.47 0.84
C12 P15 W . 2.40 0.13 1.96
C11 P15 W . 1.34 0.76 2.90
O5 P15 W . 1.28 2.13 2.64
C10 P15 W . 0.71 3.04 3.61
C9 P15 W . 1.02 4.42 3.19
O4 P15 W . -0.17 5.10 2.87
C8 P15 W . -0.92 4.70 1.77
C7 P15 W . -2.30 5.28 1.83
O3 P15 W . -2.94 5.03 0.58
C6 P15 W . -3.25 3.71 0.22
C5 P15 W . -3.43 3.63 -1.26
O2 P15 W . -3.55 2.30 -1.61
C4 P15 W . -2.63 1.72 -2.47
C3 P15 W . -1.61 0.98 -1.63
O1 P15 W . -1.79 -0.40 -1.72
C2 P15 W . -1.00 -1.24 -0.91
C1 P15 W . -1.70 -2.55 -0.65
OXT P15 W . -0.92 -3.33 0.23
#